data_4QKO
#
_entry.id   4QKO
#
_cell.length_a   65.390
_cell.length_b   114.420
_cell.length_c   120.220
_cell.angle_alpha   90.00
_cell.angle_beta   90.00
_cell.angle_gamma   90.00
#
_symmetry.space_group_name_H-M   'P 21 21 21'
#
loop_
_entity.id
_entity.type
_entity.pdbx_description
1 polymer 'Pyocin-S2 immunity protein'
2 polymer Pyocin-S2
3 non-polymer 'BROMIDE ION'
4 non-polymer 'MAGNESIUM ION'
5 water water
#
loop_
_entity_poly.entity_id
_entity_poly.type
_entity_poly.pdbx_seq_one_letter_code
_entity_poly.pdbx_strand_id
1 'polypeptide(L)'
;MKSKISEYTEKEFLEFVKDIYTNNKKKFPTEESHIQAVLEFKKLTEHPSGSDLLYYPNENREDSPAGVVKEVKEWRASKG
LPGFKAGLEHHHHHH
;
A,C,E,G
2 'polypeptide(L)'
;RDPRDVPGAATGKGQPVSGNWLGAASQGEGAPIPSQIADKLRGKTFKNWRDFREQFWIAVANDPELSKQFNPGSLAVMRD
GGAPYVRESEQAGGRIKIEIHHKVRIADGGGVYNMGNLVAVTPKRHIEIHKGGK
;
B,D,F,H
#
# COMPACT_ATOMS: atom_id res chain seq x y z
N MET A 1 18.97 -20.46 16.41
CA MET A 1 18.73 -19.80 15.09
C MET A 1 19.99 -19.89 14.19
N LYS A 2 19.87 -19.54 12.91
CA LYS A 2 21.07 -19.38 12.07
C LYS A 2 21.81 -18.11 12.51
N SER A 3 23.13 -18.27 12.58
CA SER A 3 24.07 -17.28 13.16
C SER A 3 24.72 -16.37 12.08
N LYS A 4 24.86 -16.91 10.88
CA LYS A 4 25.60 -16.26 9.81
C LYS A 4 24.77 -16.37 8.58
N ILE A 5 24.84 -15.33 7.76
CA ILE A 5 24.04 -15.32 6.56
C ILE A 5 24.40 -16.52 5.59
N SER A 6 25.64 -17.04 5.66
CA SER A 6 26.03 -18.15 4.81
C SER A 6 25.37 -19.51 5.16
N GLU A 7 24.74 -19.59 6.33
CA GLU A 7 23.83 -20.69 6.68
C GLU A 7 22.42 -20.61 6.01
N TYR A 8 22.01 -19.42 5.54
CA TYR A 8 20.78 -19.32 4.81
C TYR A 8 21.01 -19.62 3.35
N THR A 9 20.10 -20.34 2.72
CA THR A 9 19.95 -20.16 1.30
C THR A 9 19.33 -18.80 1.02
N GLU A 10 19.51 -18.32 -0.22
CA GLU A 10 18.84 -17.10 -0.66
C GLU A 10 17.32 -17.16 -0.46
N LYS A 11 16.68 -18.29 -0.82
CA LYS A 11 15.24 -18.44 -0.59
C LYS A 11 14.83 -18.32 0.88
N GLU A 12 15.62 -18.93 1.78
CA GLU A 12 15.41 -18.82 3.23
C GLU A 12 15.58 -17.39 3.74
N PHE A 13 16.60 -16.72 3.22
CA PHE A 13 16.81 -15.35 3.66
C PHE A 13 15.68 -14.43 3.16
N LEU A 14 15.21 -14.65 1.93
CA LEU A 14 14.10 -13.90 1.37
C LEU A 14 12.87 -14.09 2.25
N GLU A 15 12.61 -15.34 2.65
N GLU A 15 12.58 -15.34 2.67
CA GLU A 15 11.44 -15.57 3.49
CA GLU A 15 11.38 -15.53 3.54
C GLU A 15 11.53 -14.89 4.89
C GLU A 15 11.53 -14.83 4.91
N PHE A 16 12.71 -14.86 5.51
CA PHE A 16 12.94 -14.08 6.73
C PHE A 16 12.72 -12.57 6.47
N VAL A 17 13.29 -12.03 5.37
CA VAL A 17 13.09 -10.59 5.10
C VAL A 17 11.60 -10.27 4.80
N LYS A 18 10.92 -11.13 4.06
CA LYS A 18 9.49 -10.92 3.76
C LYS A 18 8.73 -10.93 5.07
N ASP A 19 9.07 -11.84 5.99
CA ASP A 19 8.42 -11.85 7.31
C ASP A 19 8.59 -10.57 8.10
N ILE A 20 9.82 -10.06 8.12
CA ILE A 20 10.04 -8.77 8.78
C ILE A 20 9.28 -7.64 8.09
N TYR A 21 9.41 -7.56 6.76
CA TYR A 21 8.86 -6.50 5.95
C TYR A 21 7.35 -6.41 5.98
N THR A 22 6.67 -7.56 5.93
CA THR A 22 5.21 -7.62 5.98
C THR A 22 4.68 -7.64 7.40
N ASN A 23 5.56 -7.69 8.39
CA ASN A 23 5.14 -7.82 9.77
C ASN A 23 4.22 -9.05 9.96
N ASN A 24 4.77 -10.19 9.60
CA ASN A 24 4.10 -11.48 9.78
C ASN A 24 3.97 -11.79 11.28
N LYS A 25 2.76 -11.71 11.83
CA LYS A 25 2.54 -11.89 13.25
C LYS A 25 2.67 -13.32 13.73
N LYS A 26 2.54 -14.28 12.82
CA LYS A 26 2.79 -15.64 13.21
CA LYS A 26 2.79 -15.66 13.17
C LYS A 26 4.26 -15.81 13.62
N LYS A 27 5.18 -15.07 12.95
CA LYS A 27 6.60 -15.12 13.28
C LYS A 27 7.01 -14.16 14.38
N PHE A 28 6.42 -12.96 14.34
CA PHE A 28 6.67 -11.87 15.28
C PHE A 28 5.36 -11.38 15.92
N PRO A 29 4.83 -12.19 16.89
CA PRO A 29 3.55 -11.85 17.45
C PRO A 29 3.61 -10.52 18.23
N THR A 30 4.75 -10.23 18.86
CA THR A 30 4.95 -8.99 19.64
C THR A 30 5.89 -7.98 18.96
N GLU A 31 5.69 -6.70 19.29
CA GLU A 31 6.53 -5.62 18.80
C GLU A 31 7.98 -5.88 19.19
N GLU A 32 8.16 -6.41 20.39
CA GLU A 32 9.51 -6.75 20.90
C GLU A 32 10.19 -7.85 20.10
N SER A 33 9.39 -8.83 19.62
CA SER A 33 9.91 -9.88 18.77
C SER A 33 10.33 -9.34 17.40
N HIS A 34 9.53 -8.39 16.88
CA HIS A 34 9.89 -7.79 15.60
C HIS A 34 11.17 -6.97 15.71
N ILE A 35 11.33 -6.22 16.79
CA ILE A 35 12.52 -5.42 16.96
C ILE A 35 13.74 -6.30 16.97
N GLN A 36 13.64 -7.45 17.65
CA GLN A 36 14.72 -8.41 17.67
C GLN A 36 15.09 -8.95 16.31
N ALA A 37 14.10 -9.22 15.50
CA ALA A 37 14.36 -9.70 14.15
C ALA A 37 15.04 -8.61 13.28
N VAL A 38 14.61 -7.35 13.39
CA VAL A 38 15.28 -6.25 12.72
C VAL A 38 16.77 -6.15 13.16
N LEU A 39 17.05 -6.27 14.45
CA LEU A 39 18.44 -6.26 14.99
C LEU A 39 19.19 -7.44 14.50
N GLU A 40 18.54 -8.60 14.44
CA GLU A 40 19.14 -9.78 13.81
C GLU A 40 19.48 -9.57 12.31
N PHE A 41 18.55 -8.98 11.53
CA PHE A 41 18.77 -8.63 10.14
C PHE A 41 20.02 -7.77 10.01
N LYS A 42 20.10 -6.73 10.77
CA LYS A 42 21.26 -5.78 10.66
C LYS A 42 22.56 -6.51 10.88
N LYS A 43 22.56 -7.37 11.92
CA LYS A 43 23.72 -8.25 12.19
C LYS A 43 24.06 -9.23 11.09
N LEU A 44 23.06 -9.92 10.57
CA LEU A 44 23.32 -10.90 9.55
C LEU A 44 23.89 -10.29 8.26
N THR A 45 23.34 -9.16 7.79
CA THR A 45 23.71 -8.65 6.46
C THR A 45 25.08 -8.01 6.54
N GLU A 46 25.42 -7.41 7.70
CA GLU A 46 26.63 -6.61 7.83
C GLU A 46 26.62 -5.39 6.91
N HIS A 47 25.46 -5.02 6.41
CA HIS A 47 25.40 -3.97 5.44
C HIS A 47 25.37 -2.62 6.15
N PRO A 48 26.09 -1.66 5.62
CA PRO A 48 26.13 -0.38 6.32
C PRO A 48 24.85 0.46 6.33
N SER A 49 23.85 0.18 5.51
CA SER A 49 22.55 0.86 5.60
C SER A 49 21.65 0.24 6.70
N GLY A 50 22.01 -0.92 7.28
CA GLY A 50 21.23 -1.54 8.35
C GLY A 50 19.73 -1.59 8.04
N SER A 51 18.91 -1.12 8.98
CA SER A 51 17.43 -1.20 8.82
C SER A 51 16.92 -0.26 7.70
N ASP A 52 17.76 0.68 7.22
CA ASP A 52 17.28 1.59 6.19
C ASP A 52 17.01 0.78 4.93
N LEU A 53 17.61 -0.40 4.75
CA LEU A 53 17.33 -1.29 3.61
C LEU A 53 15.86 -1.63 3.58
N LEU A 54 15.28 -1.80 4.78
CA LEU A 54 13.89 -2.13 4.86
C LEU A 54 12.95 -0.95 4.79
N TYR A 55 13.27 0.13 5.48
CA TYR A 55 12.37 1.26 5.70
C TYR A 55 12.64 2.55 4.96
N TYR A 56 13.87 2.75 4.53
CA TYR A 56 14.24 3.96 3.88
C TYR A 56 15.12 3.60 2.70
N PRO A 57 14.59 2.77 1.80
CA PRO A 57 15.43 2.13 0.78
C PRO A 57 15.90 3.12 -0.27
N ASN A 58 17.06 2.86 -0.85
CA ASN A 58 17.56 3.69 -1.92
C ASN A 58 16.58 3.68 -3.12
N GLU A 59 16.34 4.86 -3.69
CA GLU A 59 15.45 5.04 -4.84
C GLU A 59 15.98 4.37 -6.09
N ASN A 60 17.21 3.90 -6.06
CA ASN A 60 17.78 3.22 -7.25
C ASN A 60 17.42 1.77 -7.40
N ARG A 61 16.56 1.25 -6.54
CA ARG A 61 16.20 -0.13 -6.65
C ARG A 61 14.79 -0.37 -6.10
N GLU A 62 14.31 -1.60 -6.26
CA GLU A 62 12.93 -1.90 -5.92
C GLU A 62 12.71 -1.93 -4.43
N ASP A 63 11.73 -1.19 -3.93
CA ASP A 63 11.35 -1.25 -2.52
C ASP A 63 10.49 -2.46 -2.27
N SER A 64 11.11 -3.57 -1.89
CA SER A 64 10.43 -4.87 -1.68
C SER A 64 11.37 -5.82 -0.98
N PRO A 65 10.90 -6.96 -0.41
CA PRO A 65 11.82 -7.98 0.11
C PRO A 65 12.82 -8.48 -0.94
N ALA A 66 12.39 -8.69 -2.17
CA ALA A 66 13.38 -9.07 -3.22
C ALA A 66 14.43 -7.98 -3.48
N GLY A 67 14.01 -6.72 -3.45
CA GLY A 67 14.91 -5.61 -3.63
C GLY A 67 15.93 -5.59 -2.54
N VAL A 68 15.50 -5.91 -1.32
CA VAL A 68 16.38 -5.90 -0.17
C VAL A 68 17.41 -7.00 -0.33
N VAL A 69 16.95 -8.17 -0.68
CA VAL A 69 17.86 -9.33 -0.78
C VAL A 69 18.90 -9.13 -1.84
N LYS A 70 18.47 -8.70 -3.02
CA LYS A 70 19.36 -8.42 -4.12
C LYS A 70 20.40 -7.39 -3.72
N GLU A 71 19.99 -6.31 -3.00
CA GLU A 71 20.95 -5.30 -2.61
C GLU A 71 22.02 -5.91 -1.69
N VAL A 72 21.55 -6.69 -0.74
CA VAL A 72 22.42 -7.33 0.20
C VAL A 72 23.34 -8.31 -0.54
N LYS A 73 22.77 -9.18 -1.35
CA LYS A 73 23.57 -10.17 -2.06
C LYS A 73 24.72 -9.52 -2.90
N GLU A 74 24.35 -8.46 -3.61
CA GLU A 74 25.27 -7.84 -4.57
C GLU A 74 26.30 -7.08 -3.84
N TRP A 75 25.93 -6.42 -2.74
CA TRP A 75 26.90 -5.72 -1.90
C TRP A 75 27.94 -6.68 -1.27
N ARG A 76 27.51 -7.80 -0.71
CA ARG A 76 28.44 -8.73 -0.05
C ARG A 76 29.35 -9.34 -1.10
N ALA A 77 28.80 -9.70 -2.26
CA ALA A 77 29.62 -10.25 -3.38
C ALA A 77 30.72 -9.27 -3.78
N SER A 78 30.35 -8.00 -3.82
CA SER A 78 31.26 -6.93 -4.27
C SER A 78 32.35 -6.62 -3.21
N LYS A 79 32.08 -6.90 -1.95
CA LYS A 79 33.10 -6.82 -0.87
C LYS A 79 33.88 -8.11 -0.61
N GLY A 80 33.63 -9.15 -1.37
CA GLY A 80 34.31 -10.41 -1.11
C GLY A 80 33.91 -11.15 0.17
N LEU A 81 32.72 -10.86 0.68
CA LEU A 81 32.18 -11.56 1.83
C LEU A 81 31.46 -12.89 1.48
N PRO A 82 31.34 -13.83 2.45
CA PRO A 82 30.61 -15.08 2.13
C PRO A 82 29.15 -14.83 1.74
N GLY A 83 28.64 -15.65 0.82
CA GLY A 83 27.32 -15.53 0.29
C GLY A 83 26.41 -16.59 0.84
N PHE A 84 25.24 -16.69 0.24
CA PHE A 84 24.22 -17.60 0.70
C PHE A 84 24.70 -19.02 0.40
N LYS A 85 24.33 -19.93 1.29
CA LYS A 85 24.36 -21.35 0.97
C LYS A 85 23.65 -21.66 -0.34
N ALA A 86 24.24 -22.56 -1.13
CA ALA A 86 23.62 -22.98 -2.39
C ALA A 86 22.28 -23.70 -2.10
N GLY A 87 21.30 -23.52 -2.99
CA GLY A 87 19.99 -24.21 -2.89
C GLY A 87 19.95 -25.44 -3.79
N ARG B 1 4.88 2.88 38.02
CA ARG B 1 4.80 3.22 36.56
C ARG B 1 5.27 4.66 36.27
N ASP B 2 5.39 5.00 34.99
CA ASP B 2 5.65 6.39 34.58
C ASP B 2 4.40 7.26 34.74
N PRO B 3 4.58 8.60 34.92
CA PRO B 3 3.47 9.54 35.08
C PRO B 3 2.48 9.58 33.91
N ARG B 4 2.91 9.12 32.74
CA ARG B 4 2.08 9.22 31.54
C ARG B 4 1.23 7.96 31.42
N ASP B 5 1.52 6.96 32.25
CA ASP B 5 0.94 5.66 32.04
C ASP B 5 -0.31 5.56 32.92
N VAL B 6 -1.33 6.30 32.52
CA VAL B 6 -2.48 6.67 33.32
C VAL B 6 -3.72 6.73 32.41
N PRO B 7 -4.90 6.57 32.96
CA PRO B 7 -6.11 6.74 32.14
C PRO B 7 -6.43 8.18 31.80
N GLY B 8 -7.05 8.36 30.64
CA GLY B 8 -7.33 9.71 30.17
C GLY B 8 -8.03 9.71 28.83
N ALA B 9 -8.35 10.90 28.40
CA ALA B 9 -9.01 11.12 27.16
C ALA B 9 -8.13 12.08 26.37
N ALA B 10 -8.07 11.82 25.09
CA ALA B 10 -7.36 12.72 24.20
C ALA B 10 -8.09 14.06 24.07
N THR B 11 -7.37 15.12 24.17
CA THR B 11 -7.95 16.41 23.90
C THR B 11 -6.97 17.28 23.19
N GLY B 12 -7.45 18.40 22.75
CA GLY B 12 -6.58 19.39 22.21
C GLY B 12 -6.39 19.33 20.74
N LYS B 13 -5.55 20.24 20.30
CA LYS B 13 -5.44 20.52 18.90
C LYS B 13 -4.03 20.16 18.48
N GLY B 14 -3.92 19.57 17.30
CA GLY B 14 -2.60 19.35 16.71
C GLY B 14 -2.23 20.56 15.85
N GLN B 15 -1.32 20.38 14.88
CA GLN B 15 -0.93 21.41 13.98
C GLN B 15 -0.99 20.89 12.57
N PRO B 16 -1.25 21.74 11.58
CA PRO B 16 -1.13 21.35 10.17
C PRO B 16 0.31 21.00 9.84
N VAL B 17 0.52 19.93 9.11
CA VAL B 17 1.85 19.53 8.76
C VAL B 17 2.03 19.35 7.28
N SER B 18 3.30 19.23 6.93
CA SER B 18 3.76 19.15 5.56
C SER B 18 3.79 17.74 4.97
N GLY B 19 4.34 17.68 3.75
CA GLY B 19 4.62 16.39 3.12
C GLY B 19 5.78 15.57 3.72
N ASN B 20 6.53 16.11 4.66
CA ASN B 20 7.56 15.28 5.33
C ASN B 20 7.46 15.49 6.85
N TRP B 21 6.34 15.04 7.44
CA TRP B 21 6.07 15.28 8.84
C TRP B 21 7.19 14.96 9.79
N LEU B 22 7.69 13.75 9.70
CA LEU B 22 8.71 13.23 10.60
C LEU B 22 10.13 13.75 10.33
N GLY B 23 10.28 14.50 9.27
CA GLY B 23 11.54 15.28 9.06
C GLY B 23 11.80 16.19 10.25
N ALA B 24 10.73 16.73 10.87
CA ALA B 24 10.87 17.58 12.08
C ALA B 24 11.24 16.83 13.38
N ALA B 25 11.14 15.49 13.38
CA ALA B 25 11.37 14.73 14.56
C ALA B 25 12.83 14.69 15.01
N SER B 26 13.70 14.98 14.06
CA SER B 26 15.11 14.95 14.29
C SER B 26 15.69 16.35 14.56
N GLN B 27 14.85 17.36 14.71
CA GLN B 27 15.39 18.70 15.00
C GLN B 27 14.49 19.52 15.87
N GLY B 28 15.05 20.59 16.38
CA GLY B 28 14.31 21.47 17.32
C GLY B 28 13.53 20.77 18.41
N GLU B 29 12.25 21.09 18.48
CA GLU B 29 11.36 20.57 19.48
C GLU B 29 10.66 19.26 19.07
N GLY B 30 10.92 18.71 17.89
CA GLY B 30 10.18 17.51 17.53
C GLY B 30 9.07 17.84 16.57
N ALA B 31 8.35 16.80 16.13
CA ALA B 31 7.35 16.97 15.17
C ALA B 31 6.07 17.14 15.97
N PRO B 32 5.23 18.07 15.59
CA PRO B 32 3.95 18.21 16.25
C PRO B 32 3.00 17.07 15.92
N ILE B 33 1.93 16.93 16.74
CA ILE B 33 0.88 16.02 16.32
C ILE B 33 0.08 16.62 15.12
N PRO B 34 -0.04 15.88 14.02
CA PRO B 34 -0.83 16.39 12.90
C PRO B 34 -2.27 16.68 13.27
N SER B 35 -2.81 17.84 12.87
N SER B 35 -2.78 17.85 12.89
CA SER B 35 -4.19 18.19 13.19
CA SER B 35 -4.18 18.22 13.11
C SER B 35 -5.18 17.06 12.88
C SER B 35 -5.16 17.07 12.87
N GLN B 36 -4.99 16.35 11.77
CA GLN B 36 -5.94 15.23 11.41
C GLN B 36 -5.93 14.12 12.41
N ILE B 37 -4.78 13.91 13.03
CA ILE B 37 -4.64 12.82 14.01
C ILE B 37 -5.21 13.24 15.36
N ALA B 38 -4.92 14.47 15.78
CA ALA B 38 -5.58 15.05 16.94
C ALA B 38 -7.10 15.02 16.81
N ASP B 39 -7.61 15.33 15.62
CA ASP B 39 -9.03 15.23 15.34
C ASP B 39 -9.53 13.81 15.47
N LYS B 40 -8.87 12.88 14.79
CA LYS B 40 -9.34 11.48 14.77
C LYS B 40 -9.44 10.91 16.20
N LEU B 41 -8.50 11.30 17.05
CA LEU B 41 -8.45 10.81 18.39
C LEU B 41 -9.26 11.58 19.41
N ARG B 42 -9.77 12.76 19.09
CA ARG B 42 -10.35 13.69 20.05
C ARG B 42 -11.50 13.02 20.79
N GLY B 43 -11.46 13.02 22.13
CA GLY B 43 -12.54 12.44 22.93
C GLY B 43 -12.39 10.94 23.17
N LYS B 44 -11.50 10.24 22.47
CA LYS B 44 -11.22 8.85 22.81
C LYS B 44 -10.56 8.69 24.19
N THR B 45 -10.93 7.63 24.92
CA THR B 45 -10.34 7.34 26.21
C THR B 45 -9.36 6.20 26.08
N PHE B 46 -8.28 6.29 26.86
CA PHE B 46 -7.21 5.30 26.87
C PHE B 46 -7.03 4.76 28.27
N LYS B 47 -6.84 3.44 28.41
CA LYS B 47 -6.60 2.87 29.76
C LYS B 47 -5.16 3.13 30.27
N ASN B 48 -4.22 3.28 29.35
CA ASN B 48 -2.85 3.40 29.71
C ASN B 48 -2.11 3.91 28.48
N TRP B 49 -0.82 4.22 28.64
CA TRP B 49 -0.05 4.84 27.55
C TRP B 49 0.12 3.92 26.31
N ARG B 50 0.31 2.61 26.50
N ARG B 50 0.32 2.60 26.51
CA ARG B 50 0.47 1.72 25.36
CA ARG B 50 0.44 1.66 25.39
C ARG B 50 -0.80 1.63 24.51
C ARG B 50 -0.80 1.64 24.52
N ASP B 51 -1.96 1.69 25.15
CA ASP B 51 -3.20 1.80 24.44
C ASP B 51 -3.23 3.09 23.53
N PHE B 52 -2.87 4.25 24.08
CA PHE B 52 -2.83 5.46 23.31
C PHE B 52 -1.87 5.35 22.11
N ARG B 53 -0.70 4.80 22.34
CA ARG B 53 0.37 4.72 21.32
C ARG B 53 -0.06 3.85 20.14
N GLU B 54 -0.67 2.73 20.48
CA GLU B 54 -1.24 1.87 19.51
C GLU B 54 -2.30 2.56 18.66
N GLN B 55 -3.26 3.23 19.27
CA GLN B 55 -4.27 3.97 18.50
C GLN B 55 -3.70 5.11 17.73
N PHE B 56 -2.67 5.76 18.25
CA PHE B 56 -2.04 6.83 17.53
C PHE B 56 -1.37 6.37 16.22
N TRP B 57 -0.52 5.33 16.29
CA TRP B 57 0.09 4.87 15.04
C TRP B 57 -0.88 4.18 14.05
N ILE B 58 -1.93 3.57 14.55
CA ILE B 58 -2.94 3.03 13.62
C ILE B 58 -3.64 4.16 12.86
N ALA B 59 -3.90 5.24 13.54
CA ALA B 59 -4.52 6.43 12.93
C ALA B 59 -3.65 7.05 11.87
N VAL B 60 -2.37 7.18 12.19
CA VAL B 60 -1.38 7.63 11.17
C VAL B 60 -1.39 6.76 9.91
N ALA B 61 -1.31 5.46 10.14
CA ALA B 61 -1.20 4.51 9.03
C ALA B 61 -2.47 4.49 8.14
N ASN B 62 -3.63 4.79 8.72
CA ASN B 62 -4.92 4.95 7.98
C ASN B 62 -5.17 6.33 7.39
N ASP B 63 -4.35 7.31 7.69
CA ASP B 63 -4.62 8.66 7.18
C ASP B 63 -4.23 8.75 5.72
N PRO B 64 -5.15 9.19 4.85
CA PRO B 64 -4.79 9.27 3.43
C PRO B 64 -3.58 10.13 3.12
N GLU B 65 -3.35 11.21 3.83
CA GLU B 65 -2.20 12.05 3.51
C GLU B 65 -0.89 11.57 4.13
N LEU B 66 -0.89 11.31 5.42
CA LEU B 66 0.31 10.91 6.13
C LEU B 66 0.77 9.54 5.70
N SER B 67 -0.13 8.63 5.37
CA SER B 67 0.33 7.28 5.00
C SER B 67 1.17 7.26 3.72
N LYS B 68 1.05 8.27 2.88
CA LYS B 68 1.95 8.41 1.72
C LYS B 68 3.44 8.64 2.07
N GLN B 69 3.73 9.02 3.31
CA GLN B 69 5.07 9.35 3.73
C GLN B 69 5.81 8.16 4.30
N PHE B 70 5.17 7.01 4.28
CA PHE B 70 5.72 5.79 4.87
C PHE B 70 5.74 4.68 3.87
N ASN B 71 6.80 3.88 3.86
CA ASN B 71 6.85 2.81 2.92
C ASN B 71 6.06 1.61 3.39
N PRO B 72 5.91 0.60 2.50
CA PRO B 72 5.03 -0.52 2.88
C PRO B 72 5.54 -1.24 4.10
N GLY B 73 6.86 -1.35 4.28
CA GLY B 73 7.43 -1.97 5.46
C GLY B 73 6.98 -1.25 6.71
N SER B 74 7.07 0.07 6.68
CA SER B 74 6.70 0.83 7.86
C SER B 74 5.19 0.75 8.16
N LEU B 75 4.36 0.78 7.13
CA LEU B 75 2.94 0.73 7.37
C LEU B 75 2.54 -0.62 7.95
N ALA B 76 3.24 -1.66 7.58
CA ALA B 76 2.93 -2.98 8.08
C ALA B 76 3.11 -3.01 9.60
N VAL B 77 4.05 -2.20 10.11
CA VAL B 77 4.30 -2.09 11.53
C VAL B 77 3.23 -1.16 12.16
N MET B 78 2.92 -0.06 11.48
CA MET B 78 2.08 0.96 12.07
C MET B 78 0.60 0.54 12.14
N ARG B 79 0.19 -0.24 11.15
CA ARG B 79 -1.18 -0.77 11.11
C ARG B 79 -1.47 -1.63 12.28
N ASP B 80 -0.41 -2.19 12.86
CA ASP B 80 -0.47 -3.14 13.98
C ASP B 80 -0.29 -2.41 15.33
N GLY B 81 -0.22 -1.08 15.26
CA GLY B 81 -0.04 -0.27 16.45
C GLY B 81 1.40 0.06 16.78
N GLY B 82 2.34 -0.35 15.95
CA GLY B 82 3.75 -0.12 16.33
C GLY B 82 4.23 1.21 15.74
N ALA B 83 5.14 1.89 16.42
CA ALA B 83 5.80 3.08 15.91
C ALA B 83 6.73 2.67 14.78
N PRO B 84 6.99 3.59 13.85
CA PRO B 84 7.92 3.30 12.81
C PRO B 84 9.33 3.30 13.33
N TYR B 85 10.15 2.55 12.61
CA TYR B 85 11.61 2.62 12.82
C TYR B 85 12.18 3.94 12.26
N VAL B 86 13.14 4.56 12.99
CA VAL B 86 13.84 5.72 12.46
C VAL B 86 15.00 5.31 11.55
N ARG B 87 15.46 6.29 10.85
CA ARG B 87 16.66 6.14 10.02
C ARG B 87 17.82 5.76 10.90
N GLU B 88 18.75 4.98 10.33
CA GLU B 88 19.92 4.56 11.04
C GLU B 88 20.64 5.73 11.68
N SER B 89 20.67 6.88 10.99
CA SER B 89 21.36 8.10 11.53
C SER B 89 20.74 8.69 12.77
N GLU B 90 19.53 8.21 13.11
CA GLU B 90 18.74 8.75 14.22
C GLU B 90 18.50 7.74 15.35
N GLN B 91 19.09 6.55 15.20
CA GLN B 91 19.05 5.51 16.21
C GLN B 91 20.11 5.89 17.30
N ALA B 92 19.80 5.56 18.53
CA ALA B 92 20.69 5.93 19.63
C ALA B 92 20.62 4.69 20.44
N GLY B 93 21.54 3.79 20.03
CA GLY B 93 21.79 2.49 20.63
C GLY B 93 20.64 1.55 20.43
N GLY B 94 20.02 1.21 21.58
CA GLY B 94 18.90 0.28 21.66
C GLY B 94 17.57 0.86 21.29
N ARG B 95 17.53 2.19 21.11
CA ARG B 95 16.29 2.87 20.73
C ARG B 95 16.24 3.20 19.24
N ILE B 96 15.36 2.50 18.49
CA ILE B 96 15.35 2.51 17.08
C ILE B 96 13.98 2.95 16.48
N LYS B 97 13.04 3.40 17.32
CA LYS B 97 11.71 3.79 16.89
C LYS B 97 11.40 5.23 17.31
N ILE B 98 10.52 5.86 16.55
CA ILE B 98 9.97 7.15 16.91
C ILE B 98 9.32 7.04 18.32
N GLU B 99 9.60 8.06 19.12
CA GLU B 99 9.07 8.18 20.48
C GLU B 99 8.18 9.41 20.61
N ILE B 100 7.15 9.32 21.47
CA ILE B 100 6.28 10.45 21.79
C ILE B 100 6.64 10.96 23.18
N HIS B 101 7.02 12.25 23.25
CA HIS B 101 7.56 12.98 24.46
C HIS B 101 6.51 14.05 24.81
N HIS B 102 6.44 14.38 26.10
CA HIS B 102 5.60 15.45 26.57
C HIS B 102 6.41 16.74 26.62
N LYS B 103 5.91 17.81 26.06
CA LYS B 103 6.64 19.09 26.13
C LYS B 103 6.69 19.68 27.53
N VAL B 104 5.56 19.67 28.22
CA VAL B 104 5.47 20.03 29.64
C VAL B 104 5.31 18.79 30.52
N ARG B 105 6.18 18.62 31.52
CA ARG B 105 6.17 17.40 32.32
C ARG B 105 4.85 17.33 32.98
N ILE B 106 4.35 16.11 33.10
CA ILE B 106 3.08 15.87 33.77
C ILE B 106 3.18 16.33 35.23
N ALA B 107 4.31 16.06 35.88
CA ALA B 107 4.59 16.61 37.24
C ALA B 107 4.59 18.14 37.30
N ASP B 108 4.81 18.85 36.19
CA ASP B 108 4.73 20.32 36.13
C ASP B 108 3.41 20.85 35.60
N GLY B 109 2.39 19.99 35.51
CA GLY B 109 1.06 20.46 35.08
C GLY B 109 0.67 19.99 33.70
N GLY B 110 1.54 19.28 33.00
CA GLY B 110 1.28 18.98 31.60
C GLY B 110 0.17 17.96 31.43
N GLY B 111 -0.49 18.03 30.27
CA GLY B 111 -1.58 17.09 29.97
C GLY B 111 -1.00 15.82 29.41
N VAL B 112 -1.48 14.72 29.91
CA VAL B 112 -0.98 13.40 29.48
C VAL B 112 -1.38 13.10 28.00
N TYR B 113 -2.66 13.27 27.68
CA TYR B 113 -3.16 13.06 26.30
C TYR B 113 -3.69 14.34 25.63
N ASN B 114 -3.15 15.48 26.05
CA ASN B 114 -3.41 16.76 25.41
C ASN B 114 -2.53 16.81 24.20
N MET B 115 -3.11 16.89 23.03
CA MET B 115 -2.28 16.89 21.77
C MET B 115 -1.37 18.03 21.62
N GLY B 116 -1.68 19.17 22.21
CA GLY B 116 -0.76 20.31 22.25
C GLY B 116 0.47 20.09 23.16
N ASN B 117 0.51 19.00 23.94
CA ASN B 117 1.62 18.73 24.81
C ASN B 117 2.53 17.65 24.21
N LEU B 118 2.14 17.05 23.10
CA LEU B 118 2.92 15.93 22.54
C LEU B 118 3.75 16.30 21.33
N VAL B 119 4.93 15.72 21.29
CA VAL B 119 5.77 15.73 20.07
C VAL B 119 6.31 14.32 19.72
N ALA B 120 6.58 14.08 18.42
CA ALA B 120 7.19 12.85 17.99
C ALA B 120 8.65 13.25 17.78
N VAL B 121 9.53 12.48 18.41
CA VAL B 121 10.99 12.69 18.29
C VAL B 121 11.75 11.42 17.96
N THR B 122 12.88 11.59 17.30
CA THR B 122 13.77 10.45 17.17
C THR B 122 14.53 10.27 18.47
N PRO B 123 15.05 9.05 18.71
CA PRO B 123 15.93 8.78 19.86
C PRO B 123 17.16 9.72 19.92
N LYS B 124 17.81 9.93 18.81
CA LYS B 124 19.01 10.73 18.84
C LYS B 124 18.61 12.14 19.28
N ARG B 125 17.50 12.66 18.78
CA ARG B 125 17.15 14.02 19.13
C ARG B 125 16.71 14.10 20.59
N HIS B 126 15.98 13.11 21.07
CA HIS B 126 15.60 13.12 22.48
C HIS B 126 16.78 13.17 23.43
N ILE B 127 17.75 12.33 23.17
CA ILE B 127 18.92 12.28 24.00
C ILE B 127 19.73 13.58 23.97
N GLU B 128 19.62 14.34 22.85
CA GLU B 128 20.33 15.62 22.73
C GLU B 128 19.80 16.56 23.78
N ILE B 129 18.54 16.40 24.08
CA ILE B 129 17.90 17.27 25.08
C ILE B 129 18.15 16.85 26.55
N HIS B 130 18.12 15.55 26.80
CA HIS B 130 17.93 14.98 28.17
C HIS B 130 19.10 14.23 28.82
N LYS B 131 20.20 13.98 28.11
CA LYS B 131 21.24 13.05 28.66
C LYS B 131 21.90 13.44 29.99
N MET C 1 4.00 10.44 -11.37
CA MET C 1 3.12 9.22 -11.40
C MET C 1 2.24 9.14 -10.15
N LYS C 2 0.91 9.08 -10.36
CA LYS C 2 -0.04 8.60 -9.35
C LYS C 2 0.33 7.16 -8.98
N SER C 3 0.43 6.87 -7.67
CA SER C 3 0.81 5.56 -7.11
C SER C 3 -0.39 4.68 -6.73
N LYS C 4 -1.53 5.29 -6.42
CA LYS C 4 -2.65 4.55 -5.85
C LYS C 4 -3.91 4.95 -6.56
N ILE C 5 -4.86 4.04 -6.57
CA ILE C 5 -6.00 4.22 -7.40
C ILE C 5 -6.85 5.38 -6.86
N SER C 6 -6.70 5.66 -5.56
CA SER C 6 -7.45 6.74 -4.94
C SER C 6 -6.99 8.14 -5.40
N GLU C 7 -5.84 8.20 -6.07
CA GLU C 7 -5.34 9.42 -6.71
C GLU C 7 -5.90 9.71 -8.09
N TYR C 8 -6.68 8.78 -8.63
CA TYR C 8 -7.37 8.97 -9.90
C TYR C 8 -8.81 9.28 -9.67
N THR C 9 -9.36 10.18 -10.48
CA THR C 9 -10.79 10.24 -10.60
C THR C 9 -11.24 9.04 -11.43
N GLU C 10 -12.52 8.74 -11.40
CA GLU C 10 -13.05 7.57 -12.10
C GLU C 10 -12.90 7.78 -13.63
N LYS C 11 -13.11 9.02 -14.06
CA LYS C 11 -12.88 9.35 -15.47
C LYS C 11 -11.41 9.20 -15.89
N GLU C 12 -10.47 9.55 -15.02
CA GLU C 12 -9.07 9.40 -15.36
C GLU C 12 -8.75 7.89 -15.42
N PHE C 13 -9.32 7.14 -14.50
CA PHE C 13 -9.05 5.71 -14.45
C PHE C 13 -9.61 5.02 -15.70
N LEU C 14 -10.82 5.38 -16.05
CA LEU C 14 -11.46 4.96 -17.26
C LEU C 14 -10.61 5.18 -18.51
N GLU C 15 -10.12 6.40 -18.72
CA GLU C 15 -9.19 6.68 -19.81
C GLU C 15 -7.95 5.78 -19.85
N PHE C 16 -7.34 5.49 -18.70
CA PHE C 16 -6.17 4.62 -18.62
C PHE C 16 -6.54 3.20 -19.08
N VAL C 17 -7.60 2.69 -18.50
CA VAL C 17 -8.13 1.37 -18.95
C VAL C 17 -8.48 1.36 -20.46
N LYS C 18 -9.17 2.37 -21.01
CA LYS C 18 -9.44 2.43 -22.44
C LYS C 18 -8.12 2.33 -23.20
N ASP C 19 -7.13 3.08 -22.75
CA ASP C 19 -5.84 3.14 -23.50
C ASP C 19 -5.19 1.75 -23.53
N ILE C 20 -5.34 1.01 -22.43
CA ILE C 20 -4.81 -0.37 -22.33
C ILE C 20 -5.60 -1.28 -23.19
N TYR C 21 -6.91 -1.22 -23.02
CA TYR C 21 -7.80 -2.13 -23.72
C TYR C 21 -7.80 -2.00 -25.22
N THR C 22 -7.62 -0.77 -25.73
CA THR C 22 -7.64 -0.54 -27.16
C THR C 22 -6.24 -0.60 -27.74
N ASN C 23 -5.25 -0.74 -26.89
CA ASN C 23 -3.85 -0.69 -27.28
C ASN C 23 -3.51 0.59 -28.03
N ASN C 24 -3.66 1.72 -27.32
CA ASN C 24 -3.40 3.01 -27.87
C ASN C 24 -1.88 3.16 -28.02
N LYS C 25 -1.42 3.21 -29.24
CA LYS C 25 0.00 3.24 -29.53
C LYS C 25 0.70 4.56 -29.21
N LYS C 26 -0.04 5.64 -29.04
CA LYS C 26 0.56 6.89 -28.53
C LYS C 26 0.98 6.76 -27.06
N LYS C 27 0.12 6.15 -26.25
CA LYS C 27 0.46 5.94 -24.86
C LYS C 27 1.44 4.80 -24.72
N PHE C 28 1.26 3.75 -25.53
CA PHE C 28 2.04 2.48 -25.41
C PHE C 28 2.71 2.10 -26.73
N PRO C 29 3.82 2.77 -27.02
CA PRO C 29 4.37 2.58 -28.38
C PRO C 29 5.03 1.23 -28.58
N THR C 30 5.45 0.61 -27.50
CA THR C 30 6.02 -0.76 -27.59
C THR C 30 5.25 -1.78 -26.77
N GLU C 31 5.44 -3.05 -27.09
CA GLU C 31 4.80 -4.11 -26.34
C GLU C 31 5.31 -4.06 -24.91
N GLU C 32 6.61 -3.75 -24.73
CA GLU C 32 7.15 -3.64 -23.40
C GLU C 32 6.40 -2.53 -22.60
N SER C 33 6.10 -1.38 -23.20
CA SER C 33 5.36 -0.37 -22.45
C SER C 33 3.96 -0.82 -22.13
N HIS C 34 3.36 -1.63 -23.01
CA HIS C 34 2.00 -2.10 -22.74
C HIS C 34 2.00 -3.08 -21.58
N ILE C 35 2.98 -3.98 -21.54
CA ILE C 35 3.11 -4.95 -20.44
C ILE C 35 3.22 -4.19 -19.09
N GLN C 36 4.05 -3.12 -19.12
CA GLN C 36 4.26 -2.31 -17.90
C GLN C 36 2.91 -1.71 -17.42
N ALA C 37 2.07 -1.29 -18.39
CA ALA C 37 0.77 -0.67 -18.06
C ALA C 37 -0.16 -1.72 -17.49
N VAL C 38 -0.18 -2.93 -18.02
CA VAL C 38 -1.03 -4.01 -17.44
C VAL C 38 -0.59 -4.37 -16.02
N LEU C 39 0.72 -4.45 -15.79
CA LEU C 39 1.25 -4.68 -14.42
C LEU C 39 0.82 -3.53 -13.45
N GLU C 40 0.83 -2.31 -13.96
CA GLU C 40 0.45 -1.16 -13.16
C GLU C 40 -1.05 -1.27 -12.88
N PHE C 41 -1.84 -1.63 -13.88
CA PHE C 41 -3.27 -1.88 -13.66
C PHE C 41 -3.52 -2.89 -12.51
N LYS C 42 -2.86 -4.05 -12.60
CA LYS C 42 -2.95 -5.07 -11.57
C LYS C 42 -2.64 -4.44 -10.18
N LYS C 43 -1.55 -3.70 -10.10
CA LYS C 43 -1.09 -3.12 -8.85
C LYS C 43 -2.07 -2.10 -8.32
N LEU C 44 -2.52 -1.20 -9.19
CA LEU C 44 -3.48 -0.17 -8.77
C LEU C 44 -4.83 -0.77 -8.27
N THR C 45 -5.38 -1.76 -8.96
CA THR C 45 -6.70 -2.18 -8.59
C THR C 45 -6.73 -2.98 -7.33
N GLU C 46 -5.67 -3.74 -7.12
CA GLU C 46 -5.60 -4.80 -6.09
C GLU C 46 -6.65 -5.84 -6.25
N HIS C 47 -7.19 -5.98 -7.44
CA HIS C 47 -8.33 -6.84 -7.61
C HIS C 47 -7.76 -8.25 -7.87
N PRO C 48 -8.29 -9.27 -7.22
CA PRO C 48 -7.74 -10.58 -7.38
C PRO C 48 -7.90 -11.12 -8.80
N SER C 49 -8.84 -10.67 -9.59
CA SER C 49 -8.86 -11.14 -11.01
C SER C 49 -7.74 -10.51 -11.83
N GLY C 50 -7.11 -9.42 -11.37
CA GLY C 50 -5.97 -8.80 -12.11
C GLY C 50 -6.31 -8.48 -13.58
N SER C 51 -5.41 -8.88 -14.46
CA SER C 51 -5.57 -8.65 -15.89
C SER C 51 -6.69 -9.49 -16.50
N ASP C 52 -7.22 -10.44 -15.78
CA ASP C 52 -8.36 -11.17 -16.26
C ASP C 52 -9.55 -10.22 -16.49
N LEU C 53 -9.62 -9.14 -15.70
CA LEU C 53 -10.64 -8.14 -15.91
C LEU C 53 -10.62 -7.61 -17.33
N LEU C 54 -9.43 -7.50 -17.91
CA LEU C 54 -9.28 -6.99 -19.26
C LEU C 54 -9.51 -8.04 -20.34
N TYR C 55 -8.99 -9.21 -20.14
CA TYR C 55 -8.85 -10.18 -21.23
C TYR C 55 -9.69 -11.42 -21.09
N TYR C 56 -10.15 -11.75 -19.88
CA TYR C 56 -10.95 -12.94 -19.63
C TYR C 56 -12.08 -12.53 -18.69
N PRO C 57 -12.85 -11.55 -19.10
CA PRO C 57 -13.83 -10.95 -18.18
C PRO C 57 -14.98 -11.93 -17.86
N ASN C 58 -15.58 -11.79 -16.69
CA ASN C 58 -16.70 -12.54 -16.33
C ASN C 58 -17.82 -12.21 -17.32
N GLU C 59 -18.51 -13.24 -17.76
CA GLU C 59 -19.63 -13.04 -18.71
C GLU C 59 -20.84 -12.42 -18.07
N ASN C 60 -20.82 -12.22 -16.75
CA ASN C 60 -21.97 -11.56 -16.11
C ASN C 60 -22.00 -10.03 -16.21
N ARG C 61 -21.04 -9.41 -16.91
CA ARG C 61 -20.99 -7.96 -17.03
C ARG C 61 -20.42 -7.57 -18.41
N GLU C 62 -20.49 -6.30 -18.76
CA GLU C 62 -20.06 -5.87 -20.08
C GLU C 62 -18.53 -5.99 -20.26
N ASP C 63 -18.12 -6.62 -21.35
CA ASP C 63 -16.72 -6.63 -21.75
C ASP C 63 -16.39 -5.32 -22.47
N SER C 64 -16.00 -4.30 -21.71
CA SER C 64 -15.57 -3.00 -22.22
C SER C 64 -14.80 -2.31 -21.13
N PRO C 65 -14.12 -1.18 -21.43
CA PRO C 65 -13.49 -0.37 -20.38
C PRO C 65 -14.41 0.04 -19.26
N ALA C 66 -15.64 0.42 -19.61
CA ALA C 66 -16.63 0.80 -18.59
C ALA C 66 -16.99 -0.34 -17.69
N GLY C 67 -17.12 -1.53 -18.25
CA GLY C 67 -17.35 -2.70 -17.44
C GLY C 67 -16.20 -2.99 -16.49
N VAL C 68 -14.96 -2.86 -16.97
CA VAL C 68 -13.78 -3.13 -16.12
C VAL C 68 -13.83 -2.17 -14.93
N VAL C 69 -14.08 -0.93 -15.21
CA VAL C 69 -14.05 0.07 -14.19
C VAL C 69 -15.19 -0.14 -13.18
N LYS C 70 -16.34 -0.51 -13.68
CA LYS C 70 -17.46 -0.73 -12.75
C LYS C 70 -17.15 -1.90 -11.85
N GLU C 71 -16.58 -2.96 -12.44
CA GLU C 71 -16.26 -4.09 -11.61
C GLU C 71 -15.22 -3.73 -10.56
N VAL C 72 -14.20 -2.95 -10.92
CA VAL C 72 -13.13 -2.60 -9.98
C VAL C 72 -13.74 -1.73 -8.83
N LYS C 73 -14.58 -0.80 -9.22
CA LYS C 73 -15.24 0.15 -8.23
C LYS C 73 -16.12 -0.58 -7.24
N GLU C 74 -16.91 -1.50 -7.72
CA GLU C 74 -17.77 -2.26 -6.88
C GLU C 74 -17.06 -3.23 -5.96
N TRP C 75 -15.97 -3.81 -6.43
CA TRP C 75 -15.19 -4.69 -5.66
C TRP C 75 -14.54 -3.95 -4.54
N ARG C 76 -13.86 -2.88 -4.85
CA ARG C 76 -13.15 -2.13 -3.86
C ARG C 76 -14.11 -1.62 -2.76
N ALA C 77 -15.26 -1.18 -3.16
CA ALA C 77 -16.31 -0.73 -2.19
C ALA C 77 -16.72 -1.87 -1.25
N SER C 78 -16.91 -3.05 -1.83
CA SER C 78 -17.35 -4.22 -1.07
C SER C 78 -16.30 -4.60 -0.05
N LYS C 79 -15.03 -4.28 -0.29
CA LYS C 79 -13.99 -4.52 0.69
C LYS C 79 -13.63 -3.34 1.59
N GLY C 80 -14.40 -2.27 1.55
CA GLY C 80 -14.09 -1.07 2.35
C GLY C 80 -12.76 -0.41 1.96
N LEU C 81 -12.31 -0.62 0.72
CA LEU C 81 -11.04 -0.02 0.28
C LEU C 81 -11.23 1.38 -0.26
N PRO C 82 -10.16 2.18 -0.29
CA PRO C 82 -10.34 3.54 -0.82
C PRO C 82 -10.80 3.59 -2.26
N GLY C 83 -11.76 4.47 -2.55
CA GLY C 83 -12.24 4.67 -3.91
C GLY C 83 -11.60 5.82 -4.65
N PHE C 84 -12.17 6.13 -5.81
CA PHE C 84 -11.64 7.14 -6.69
C PHE C 84 -11.77 8.53 -6.07
N LYS C 85 -10.82 9.39 -6.35
CA LYS C 85 -10.93 10.79 -6.00
C LYS C 85 -12.20 11.33 -6.63
N ALA C 86 -12.98 12.10 -5.90
CA ALA C 86 -14.14 12.78 -6.52
C ALA C 86 -13.77 13.78 -7.67
N GLY C 87 -14.71 13.97 -8.58
CA GLY C 87 -14.49 14.83 -9.72
C GLY C 87 -14.63 16.30 -9.36
N ARG D 1 23.39 -14.50 -27.32
CA ARG D 1 22.30 -14.31 -28.36
C ARG D 1 21.58 -15.64 -28.65
N ASP D 2 20.25 -15.60 -28.58
CA ASP D 2 19.47 -16.80 -28.39
C ASP D 2 19.54 -17.63 -29.68
N PRO D 3 19.52 -18.99 -29.57
CA PRO D 3 19.68 -19.77 -30.79
C PRO D 3 18.51 -19.58 -31.75
N ARG D 4 17.37 -19.13 -31.21
CA ARG D 4 16.15 -18.97 -32.01
C ARG D 4 16.16 -17.60 -32.70
N ASP D 5 17.04 -16.71 -32.27
CA ASP D 5 17.02 -15.33 -32.84
C ASP D 5 17.85 -15.12 -34.09
N VAL D 6 17.37 -15.66 -35.20
CA VAL D 6 18.15 -15.77 -36.41
C VAL D 6 17.21 -15.61 -37.59
N PRO D 7 17.77 -15.29 -38.74
CA PRO D 7 16.88 -15.30 -39.92
C PRO D 7 16.52 -16.70 -40.41
N GLY D 8 15.39 -16.81 -41.08
CA GLY D 8 14.93 -18.13 -41.54
C GLY D 8 13.60 -18.04 -42.19
N ALA D 9 13.07 -19.20 -42.61
CA ALA D 9 11.82 -19.26 -43.31
C ALA D 9 10.94 -20.27 -42.61
N ALA D 10 9.63 -20.00 -42.58
CA ALA D 10 8.70 -20.92 -41.94
C ALA D 10 8.55 -22.15 -42.79
N THR D 11 8.50 -23.32 -42.16
CA THR D 11 8.28 -24.54 -42.86
C THR D 11 7.46 -25.45 -42.03
N GLY D 12 6.99 -26.54 -42.60
CA GLY D 12 6.40 -27.56 -41.76
C GLY D 12 4.93 -27.38 -41.53
N LYS D 13 4.38 -28.29 -40.76
CA LYS D 13 2.94 -28.42 -40.59
C LYS D 13 2.60 -28.18 -39.12
N GLY D 14 1.43 -27.58 -38.97
CA GLY D 14 0.81 -27.47 -37.66
C GLY D 14 -0.14 -28.62 -37.45
N GLN D 15 -1.11 -28.41 -36.58
CA GLN D 15 -2.06 -29.46 -36.27
C GLN D 15 -3.43 -28.83 -36.13
N PRO D 16 -4.47 -29.58 -36.38
CA PRO D 16 -5.82 -29.02 -36.32
C PRO D 16 -6.23 -28.76 -34.88
N VAL D 17 -6.86 -27.63 -34.59
CA VAL D 17 -7.17 -27.35 -33.21
C VAL D 17 -8.69 -27.18 -33.11
N SER D 18 -9.14 -27.11 -31.88
CA SER D 18 -10.50 -27.10 -31.43
C SER D 18 -10.95 -25.68 -31.11
N GLY D 19 -12.10 -25.57 -30.48
CA GLY D 19 -12.55 -24.27 -30.06
C GLY D 19 -11.94 -23.59 -28.85
N ASN D 20 -11.00 -24.19 -28.11
CA ASN D 20 -10.34 -23.48 -27.00
C ASN D 20 -8.86 -23.83 -27.17
N TRP D 21 -8.27 -23.28 -28.20
CA TRP D 21 -6.95 -23.60 -28.60
C TRP D 21 -5.89 -23.43 -27.49
N LEU D 22 -5.91 -22.28 -26.82
CA LEU D 22 -4.91 -22.00 -25.83
C LEU D 22 -5.22 -22.60 -24.48
N GLY D 23 -6.39 -23.22 -24.31
CA GLY D 23 -6.60 -24.05 -23.16
C GLY D 23 -5.56 -25.13 -22.98
N ALA D 24 -4.90 -25.59 -24.07
CA ALA D 24 -3.83 -26.56 -23.99
C ALA D 24 -2.46 -25.96 -23.61
N ALA D 25 -2.35 -24.62 -23.65
CA ALA D 25 -1.09 -23.97 -23.32
C ALA D 25 -0.59 -24.19 -21.87
N SER D 26 -1.50 -24.55 -20.95
CA SER D 26 -1.14 -24.71 -19.55
C SER D 26 -0.94 -26.20 -19.23
N GLN D 27 -1.04 -27.06 -20.24
N GLN D 27 -1.03 -27.06 -20.24
CA GLN D 27 -1.03 -28.49 -20.01
CA GLN D 27 -1.08 -28.51 -20.04
C GLN D 27 0.26 -29.05 -20.56
C GLN D 27 -0.03 -29.23 -20.83
N GLY D 28 0.47 -30.34 -20.29
CA GLY D 28 1.45 -31.19 -20.95
C GLY D 28 2.38 -30.67 -22.00
N GLU D 29 2.10 -30.95 -23.26
CA GLU D 29 2.99 -30.59 -24.34
CA GLU D 29 2.99 -30.58 -24.36
C GLU D 29 2.77 -29.12 -24.74
N GLY D 30 1.62 -28.56 -24.37
CA GLY D 30 1.30 -27.18 -24.72
C GLY D 30 0.42 -27.17 -25.96
N ALA D 31 0.07 -26.01 -26.45
CA ALA D 31 -0.80 -25.94 -27.60
C ALA D 31 0.01 -26.00 -28.88
N PRO D 32 -0.36 -26.87 -29.81
CA PRO D 32 0.33 -26.87 -31.09
C PRO D 32 0.08 -25.64 -31.93
N ILE D 33 0.88 -25.48 -32.97
CA ILE D 33 0.57 -24.42 -33.92
C ILE D 33 -0.66 -24.86 -34.77
N PRO D 34 -1.73 -24.07 -34.81
CA PRO D 34 -2.85 -24.42 -35.71
C PRO D 34 -2.47 -24.59 -37.16
N SER D 35 -2.99 -25.66 -37.76
CA SER D 35 -2.66 -25.97 -39.13
CA SER D 35 -2.70 -25.96 -39.16
C SER D 35 -2.82 -24.74 -40.07
N GLN D 36 -3.88 -23.96 -39.91
CA GLN D 36 -4.10 -22.83 -40.80
C GLN D 36 -3.08 -21.67 -40.65
N ILE D 37 -2.47 -21.55 -39.48
CA ILE D 37 -1.43 -20.58 -39.25
C ILE D 37 -0.12 -21.06 -39.83
N ALA D 38 0.20 -22.33 -39.58
CA ALA D 38 1.34 -22.99 -40.23
C ALA D 38 1.24 -22.82 -41.73
N ASP D 39 0.04 -23.05 -42.29
CA ASP D 39 -0.24 -22.74 -43.74
C ASP D 39 0.00 -21.30 -44.13
N LYS D 40 -0.59 -20.37 -43.39
CA LYS D 40 -0.47 -18.96 -43.72
C LYS D 40 0.98 -18.50 -43.72
N LEU D 41 1.78 -18.98 -42.79
CA LEU D 41 3.15 -18.51 -42.74
C LEU D 41 4.13 -19.27 -43.62
N ARG D 42 3.72 -20.37 -44.15
CA ARG D 42 4.68 -21.29 -44.82
C ARG D 42 5.44 -20.57 -45.95
N GLY D 43 6.75 -20.69 -45.95
CA GLY D 43 7.55 -19.96 -46.91
C GLY D 43 7.84 -18.52 -46.63
N LYS D 44 7.20 -17.90 -45.66
CA LYS D 44 7.57 -16.54 -45.32
C LYS D 44 8.98 -16.50 -44.69
N THR D 45 9.74 -15.47 -45.00
CA THR D 45 11.01 -15.32 -44.37
C THR D 45 10.91 -14.31 -43.20
N PHE D 46 11.76 -14.54 -42.22
CA PHE D 46 11.80 -13.64 -41.03
C PHE D 46 13.20 -13.12 -40.79
N LYS D 47 13.29 -11.85 -40.38
CA LYS D 47 14.60 -11.28 -39.99
C LYS D 47 15.20 -11.90 -38.76
N ASN D 48 14.34 -12.18 -37.78
CA ASN D 48 14.73 -12.63 -36.46
C ASN D 48 13.48 -13.06 -35.73
N TRP D 49 13.61 -13.44 -34.47
CA TRP D 49 12.49 -14.02 -33.76
C TRP D 49 11.32 -13.05 -33.55
N ARG D 50 11.62 -11.80 -33.27
CA ARG D 50 10.61 -10.78 -33.06
C ARG D 50 9.75 -10.60 -34.25
N ASP D 51 10.37 -10.61 -35.44
CA ASP D 51 9.68 -10.51 -36.68
C ASP D 51 8.74 -11.72 -36.80
N PHE D 52 9.25 -12.90 -36.49
CA PHE D 52 8.42 -14.10 -36.65
C PHE D 52 7.21 -14.02 -35.69
N ARG D 53 7.49 -13.62 -34.47
CA ARG D 53 6.45 -13.64 -33.42
C ARG D 53 5.35 -12.63 -33.79
N GLU D 54 5.75 -11.49 -34.30
CA GLU D 54 4.77 -10.47 -34.70
C GLU D 54 3.88 -11.00 -35.82
N GLN D 55 4.50 -11.59 -36.79
CA GLN D 55 3.75 -12.13 -37.95
C GLN D 55 2.82 -13.28 -37.53
N PHE D 56 3.28 -14.10 -36.59
CA PHE D 56 2.47 -15.15 -36.00
C PHE D 56 1.20 -14.65 -35.32
N TRP D 57 1.36 -13.70 -34.41
CA TRP D 57 0.13 -13.26 -33.67
C TRP D 57 -0.82 -12.50 -34.57
N ILE D 58 -0.28 -11.77 -35.56
CA ILE D 58 -1.12 -11.07 -36.53
C ILE D 58 -1.94 -12.08 -37.31
N ALA D 59 -1.31 -13.19 -37.72
CA ALA D 59 -2.02 -14.22 -38.40
C ALA D 59 -3.10 -14.83 -37.58
N VAL D 60 -2.83 -15.00 -36.30
CA VAL D 60 -3.83 -15.61 -35.43
C VAL D 60 -5.00 -14.63 -35.34
N ALA D 61 -4.72 -13.34 -35.11
CA ALA D 61 -5.79 -12.35 -34.92
C ALA D 61 -6.64 -12.23 -36.14
N ASN D 62 -6.07 -12.46 -37.33
CA ASN D 62 -6.88 -12.32 -38.54
C ASN D 62 -7.53 -13.59 -39.05
N ASP D 63 -7.29 -14.71 -38.39
CA ASP D 63 -7.88 -15.98 -38.80
C ASP D 63 -9.37 -16.01 -38.32
N PRO D 64 -10.31 -16.30 -39.21
CA PRO D 64 -11.75 -16.28 -38.85
C PRO D 64 -12.07 -17.24 -37.69
N GLU D 65 -11.46 -18.45 -37.69
CA GLU D 65 -11.75 -19.45 -36.62
C GLU D 65 -11.06 -19.13 -35.26
N LEU D 66 -9.78 -18.76 -35.29
CA LEU D 66 -9.11 -18.51 -34.04
C LEU D 66 -9.46 -17.15 -33.43
N SER D 67 -9.76 -16.15 -34.24
CA SER D 67 -9.94 -14.82 -33.71
C SER D 67 -11.15 -14.78 -32.83
N LYS D 68 -12.13 -15.65 -33.14
CA LYS D 68 -13.32 -15.76 -32.31
C LYS D 68 -13.03 -16.15 -30.86
N GLN D 69 -11.89 -16.71 -30.56
CA GLN D 69 -11.53 -17.16 -29.26
C GLN D 69 -10.90 -16.07 -28.36
N PHE D 70 -10.76 -14.87 -28.88
CA PHE D 70 -10.08 -13.79 -28.17
C PHE D 70 -11.04 -12.62 -28.09
N ASN D 71 -11.02 -11.90 -26.97
CA ASN D 71 -11.89 -10.74 -26.80
C ASN D 71 -11.27 -9.53 -27.55
N PRO D 72 -11.98 -8.41 -27.61
CA PRO D 72 -11.44 -7.27 -28.32
C PRO D 72 -10.14 -6.69 -27.69
N GLY D 73 -10.04 -6.69 -26.36
CA GLY D 73 -8.78 -6.33 -25.70
C GLY D 73 -7.61 -7.16 -26.17
N SER D 74 -7.83 -8.48 -26.26
CA SER D 74 -6.73 -9.31 -26.67
C SER D 74 -6.40 -9.04 -28.15
N LEU D 75 -7.43 -8.89 -28.96
CA LEU D 75 -7.22 -8.73 -30.41
C LEU D 75 -6.53 -7.38 -30.71
N ALA D 76 -6.79 -6.36 -29.90
CA ALA D 76 -6.07 -5.10 -30.06
C ALA D 76 -4.54 -5.27 -29.87
N VAL D 77 -4.12 -6.20 -28.98
CA VAL D 77 -2.73 -6.45 -28.76
C VAL D 77 -2.18 -7.30 -29.94
N MET D 78 -2.93 -8.31 -30.31
CA MET D 78 -2.48 -9.27 -31.30
C MET D 78 -2.43 -8.74 -32.74
N ARG D 79 -3.32 -7.84 -33.10
CA ARG D 79 -3.35 -7.29 -34.44
C ARG D 79 -2.15 -6.40 -34.61
N ASP D 80 -1.56 -6.01 -33.50
CA ASP D 80 -0.37 -5.25 -33.47
C ASP D 80 0.87 -6.12 -33.31
N GLY D 81 0.72 -7.45 -33.40
CA GLY D 81 1.86 -8.35 -33.35
C GLY D 81 2.33 -8.75 -31.93
N GLY D 82 1.57 -8.41 -30.90
CA GLY D 82 1.88 -8.91 -29.54
C GLY D 82 1.19 -10.17 -29.20
N ALA D 83 1.78 -10.93 -28.32
CA ALA D 83 1.19 -12.17 -27.81
C ALA D 83 0.02 -11.81 -26.89
N PRO D 84 -0.97 -12.63 -26.82
CA PRO D 84 -1.94 -12.42 -25.78
C PRO D 84 -1.46 -12.63 -24.35
N TYR D 85 -2.09 -11.90 -23.44
CA TYR D 85 -1.88 -12.04 -22.00
C TYR D 85 -2.51 -13.39 -21.53
N VAL D 86 -1.90 -14.08 -20.57
CA VAL D 86 -2.50 -15.32 -20.02
C VAL D 86 -3.40 -15.00 -18.86
N ARG D 87 -4.21 -15.99 -18.48
CA ARG D 87 -4.97 -15.85 -17.22
C ARG D 87 -4.06 -15.66 -16.01
N GLU D 88 -4.51 -14.93 -15.02
CA GLU D 88 -3.73 -14.79 -13.76
C GLU D 88 -3.17 -16.08 -13.17
N SER D 89 -3.96 -17.16 -13.22
CA SER D 89 -3.60 -18.43 -12.62
C SER D 89 -2.46 -19.06 -13.34
N GLU D 90 -2.10 -18.52 -14.54
CA GLU D 90 -0.99 -19.06 -15.31
C GLU D 90 0.20 -18.14 -15.45
N GLN D 91 0.15 -16.97 -14.80
CA GLN D 91 1.26 -15.99 -14.87
C GLN D 91 2.36 -16.48 -13.97
N ALA D 92 3.55 -15.94 -14.19
CA ALA D 92 4.68 -16.15 -13.33
C ALA D 92 5.44 -14.85 -13.20
N GLY D 93 5.08 -14.07 -12.19
CA GLY D 93 5.71 -12.78 -11.95
C GLY D 93 5.52 -11.80 -13.08
N GLY D 94 6.61 -11.37 -13.69
CA GLY D 94 6.58 -10.47 -14.84
C GLY D 94 6.35 -11.13 -16.19
N ARG D 95 6.27 -12.46 -16.20
CA ARG D 95 5.95 -13.15 -17.42
C ARG D 95 4.46 -13.37 -17.42
N ILE D 96 3.76 -12.58 -18.20
CA ILE D 96 2.34 -12.62 -18.26
C ILE D 96 1.69 -12.86 -19.62
N LYS D 97 2.49 -13.32 -20.59
CA LYS D 97 2.03 -13.52 -21.98
C LYS D 97 2.33 -14.92 -22.41
N ILE D 98 1.55 -15.38 -23.38
CA ILE D 98 1.86 -16.70 -24.04
C ILE D 98 3.27 -16.65 -24.60
N GLU D 99 3.99 -17.74 -24.37
CA GLU D 99 5.35 -17.95 -24.92
C GLU D 99 5.35 -19.09 -25.91
N ILE D 100 6.27 -19.01 -26.88
CA ILE D 100 6.46 -20.10 -27.86
C ILE D 100 7.71 -20.90 -27.44
N HIS D 101 7.55 -22.21 -27.26
CA HIS D 101 8.63 -23.15 -26.82
C HIS D 101 9.02 -24.05 -28.01
N HIS D 102 10.32 -24.30 -28.17
CA HIS D 102 10.82 -25.29 -29.15
C HIS D 102 10.83 -26.67 -28.48
N LYS D 103 10.10 -27.63 -29.01
CA LYS D 103 10.00 -28.89 -28.38
C LYS D 103 11.33 -29.67 -28.40
N VAL D 104 12.01 -29.64 -29.54
CA VAL D 104 13.39 -30.12 -29.70
C VAL D 104 14.28 -28.90 -29.69
N ARG D 105 15.25 -28.89 -28.75
CA ARG D 105 16.15 -27.80 -28.61
C ARG D 105 16.87 -27.58 -29.93
N ILE D 106 16.97 -26.32 -30.32
CA ILE D 106 17.66 -25.91 -31.54
C ILE D 106 19.12 -26.48 -31.54
N ALA D 107 19.80 -26.39 -30.43
CA ALA D 107 21.12 -27.03 -30.30
C ALA D 107 21.15 -28.55 -30.54
N ASP D 108 20.07 -29.27 -30.25
CA ASP D 108 19.94 -30.68 -30.54
C ASP D 108 19.37 -30.93 -31.90
N GLY D 109 19.26 -29.89 -32.73
CA GLY D 109 18.82 -30.05 -34.11
C GLY D 109 17.39 -29.67 -34.40
N GLY D 110 16.68 -29.14 -33.41
CA GLY D 110 15.36 -28.72 -33.67
C GLY D 110 15.28 -27.50 -34.56
N GLY D 111 14.23 -27.43 -35.36
CA GLY D 111 14.06 -26.34 -36.32
C GLY D 111 13.57 -25.06 -35.68
N VAL D 112 14.15 -23.94 -36.08
CA VAL D 112 13.83 -22.65 -35.48
C VAL D 112 12.39 -22.25 -35.85
N TYR D 113 12.04 -22.39 -37.13
CA TYR D 113 10.73 -21.94 -37.63
C TYR D 113 10.07 -23.15 -38.32
N ASN D 114 10.37 -24.33 -37.82
CA ASN D 114 9.60 -25.52 -38.21
C ASN D 114 8.37 -25.56 -37.35
N MET D 115 7.21 -25.35 -37.96
CA MET D 115 5.94 -25.29 -37.21
C MET D 115 5.67 -26.52 -36.41
N GLY D 116 6.26 -27.64 -36.84
CA GLY D 116 6.09 -28.88 -36.13
C GLY D 116 6.96 -28.99 -34.87
N ASN D 117 7.85 -28.00 -34.63
CA ASN D 117 8.68 -27.93 -33.46
C ASN D 117 8.22 -26.90 -32.45
N LEU D 118 7.07 -26.28 -32.67
CA LEU D 118 6.68 -25.15 -31.82
C LEU D 118 5.44 -25.45 -31.06
N VAL D 119 5.40 -25.01 -29.81
CA VAL D 119 4.17 -25.03 -29.03
C VAL D 119 3.99 -23.72 -28.31
N ALA D 120 2.72 -23.34 -28.10
CA ALA D 120 2.41 -22.20 -27.24
C ALA D 120 2.20 -22.68 -25.83
N VAL D 121 2.83 -22.03 -24.85
CA VAL D 121 2.69 -22.36 -23.47
C VAL D 121 2.55 -21.16 -22.61
N THR D 122 1.89 -21.37 -21.47
CA THR D 122 1.89 -20.30 -20.46
C THR D 122 3.20 -20.25 -19.77
N PRO D 123 3.47 -19.13 -19.10
CA PRO D 123 4.74 -18.99 -18.33
C PRO D 123 4.83 -20.06 -17.23
N LYS D 124 3.71 -20.35 -16.56
CA LYS D 124 3.71 -21.35 -15.46
C LYS D 124 4.09 -22.70 -16.02
N ARG D 125 3.56 -23.05 -17.18
CA ARG D 125 3.83 -24.38 -17.76
C ARG D 125 5.23 -24.42 -18.34
N HIS D 126 5.63 -23.32 -18.96
CA HIS D 126 6.95 -23.18 -19.50
C HIS D 126 8.06 -23.35 -18.40
N ILE D 127 7.91 -22.74 -17.23
CA ILE D 127 8.81 -22.96 -16.09
C ILE D 127 8.88 -24.44 -15.68
N GLU D 128 7.74 -25.12 -15.63
CA GLU D 128 7.71 -26.56 -15.33
C GLU D 128 8.51 -27.35 -16.33
N ILE D 129 8.34 -27.04 -17.60
CA ILE D 129 9.08 -27.74 -18.63
C ILE D 129 10.58 -27.55 -18.50
N HIS D 130 11.00 -26.34 -18.20
N HIS D 130 10.98 -26.30 -18.23
CA HIS D 130 12.41 -26.07 -18.16
CA HIS D 130 12.39 -25.92 -18.08
C HIS D 130 13.09 -26.52 -16.85
C HIS D 130 13.02 -26.68 -16.92
N LYS D 131 12.33 -26.70 -15.78
CA LYS D 131 12.82 -27.35 -14.58
C LYS D 131 13.11 -28.84 -14.83
N GLY D 132 12.20 -29.48 -15.55
CA GLY D 132 12.19 -30.92 -15.85
C GLY D 132 13.18 -31.36 -16.92
N GLY D 133 13.81 -30.38 -17.58
CA GLY D 133 14.96 -30.60 -18.44
C GLY D 133 14.61 -31.25 -19.75
N MET E 1 -11.00 36.34 23.73
CA MET E 1 -9.78 36.36 22.85
C MET E 1 -9.68 35.13 21.91
N LYS E 2 -10.79 34.59 21.36
CA LYS E 2 -10.71 33.26 20.73
C LYS E 2 -11.37 33.02 19.38
N SER E 3 -12.69 33.09 19.28
CA SER E 3 -13.37 32.55 18.08
C SER E 3 -14.05 33.57 17.14
N LYS E 4 -14.26 34.77 17.63
CA LYS E 4 -14.88 35.83 16.86
C LYS E 4 -14.19 37.10 17.32
N ILE E 5 -14.19 38.09 16.45
CA ILE E 5 -13.35 39.23 16.67
C ILE E 5 -13.78 40.07 17.87
N SER E 6 -15.05 40.04 18.22
CA SER E 6 -15.55 40.80 19.39
C SER E 6 -14.92 40.33 20.71
N GLU E 7 -14.19 39.21 20.68
CA GLU E 7 -13.59 38.71 21.92
C GLU E 7 -12.16 39.19 22.12
N TYR E 8 -11.65 39.98 21.17
CA TYR E 8 -10.34 40.56 21.31
C TYR E 8 -10.49 41.95 21.77
N THR E 9 -9.67 42.43 22.70
CA THR E 9 -9.46 43.87 22.79
C THR E 9 -8.75 44.35 21.51
N GLU E 10 -8.75 45.65 21.30
CA GLU E 10 -8.05 46.19 20.13
C GLU E 10 -6.58 45.87 20.29
N LYS E 11 -6.07 46.01 21.50
CA LYS E 11 -4.68 45.81 21.74
C LYS E 11 -4.34 44.34 21.46
N GLU E 12 -5.25 43.42 21.78
CA GLU E 12 -4.95 42.03 21.55
C GLU E 12 -4.94 41.71 20.05
N PHE E 13 -5.92 42.26 19.33
CA PHE E 13 -5.97 42.08 17.86
C PHE E 13 -4.71 42.68 17.17
N LEU E 14 -4.31 43.86 17.59
CA LEU E 14 -3.08 44.47 17.11
C LEU E 14 -1.87 43.52 17.32
N GLU E 15 -1.74 43.00 18.53
CA GLU E 15 -0.73 41.95 18.79
C GLU E 15 -0.76 40.71 17.85
N PHE E 16 -1.94 40.15 17.66
CA PHE E 16 -2.14 39.11 16.67
C PHE E 16 -1.65 39.54 15.24
N VAL E 17 -2.08 40.74 14.85
CA VAL E 17 -1.74 41.22 13.51
C VAL E 17 -0.24 41.43 13.41
N LYS E 18 0.38 42.01 14.43
CA LYS E 18 1.82 42.17 14.41
C LYS E 18 2.53 40.84 14.29
N ASP E 19 2.02 39.84 14.99
CA ASP E 19 2.68 38.51 14.96
C ASP E 19 2.62 37.93 13.55
N ILE E 20 1.48 38.12 12.89
CA ILE E 20 1.36 37.65 11.51
C ILE E 20 2.29 38.48 10.62
N TYR E 21 2.20 39.79 10.72
CA TYR E 21 2.86 40.68 9.81
C TYR E 21 4.37 40.51 9.88
N THR E 22 4.91 40.31 11.08
CA THR E 22 6.34 40.25 11.31
C THR E 22 6.80 38.81 11.29
N ASN E 23 5.89 37.87 11.02
CA ASN E 23 6.23 36.48 11.01
C ASN E 23 6.96 35.99 12.29
N ASN E 24 6.29 36.19 13.42
CA ASN E 24 6.83 35.87 14.72
C ASN E 24 6.92 34.32 14.84
N LYS E 25 8.15 33.80 14.78
CA LYS E 25 8.37 32.35 14.81
C LYS E 25 7.99 31.63 16.15
N LYS E 26 7.94 32.37 17.26
CA LYS E 26 7.40 31.80 18.53
C LYS E 26 5.93 31.41 18.40
N LYS E 27 5.11 32.29 17.81
CA LYS E 27 3.69 32.01 17.63
C LYS E 27 3.49 31.09 16.47
N PHE E 28 4.29 31.31 15.43
CA PHE E 28 4.11 30.63 14.14
C PHE E 28 5.46 29.97 13.77
N PRO E 29 5.76 28.79 14.37
CA PRO E 29 7.03 28.12 14.11
C PRO E 29 7.18 27.60 12.68
N THR E 30 6.08 27.29 12.02
CA THR E 30 6.15 26.71 10.66
C THR E 30 5.35 27.52 9.69
N GLU E 31 5.64 27.32 8.40
CA GLU E 31 4.87 28.03 7.36
C GLU E 31 3.42 27.63 7.38
N GLU E 32 3.17 26.34 7.60
CA GLU E 32 1.82 25.81 7.83
C GLU E 32 1.07 26.54 8.95
N SER E 33 1.73 26.83 10.04
CA SER E 33 1.02 27.47 11.14
C SER E 33 0.74 28.95 10.81
N HIS E 34 1.62 29.56 10.00
CA HIS E 34 1.40 30.93 9.47
C HIS E 34 0.21 31.04 8.53
N ILE E 35 0.11 30.10 7.61
CA ILE E 35 -1.03 30.02 6.73
C ILE E 35 -2.31 29.93 7.52
N GLN E 36 -2.30 29.09 8.55
CA GLN E 36 -3.50 28.94 9.33
CA GLN E 36 -3.44 28.91 9.47
C GLN E 36 -3.84 30.24 10.07
N ALA E 37 -2.86 30.96 10.59
CA ALA E 37 -3.10 32.31 11.19
C ALA E 37 -3.69 33.28 10.21
N VAL E 38 -3.18 33.25 8.98
CA VAL E 38 -3.69 34.19 7.95
C VAL E 38 -5.13 33.84 7.59
N LEU E 39 -5.42 32.54 7.43
CA LEU E 39 -6.81 32.09 7.24
C LEU E 39 -7.69 32.46 8.41
N GLU E 40 -7.17 32.43 9.62
CA GLU E 40 -7.95 32.86 10.79
C GLU E 40 -8.13 34.36 10.81
N PHE E 41 -7.13 35.11 10.39
CA PHE E 41 -7.35 36.59 10.21
C PHE E 41 -8.50 36.93 9.26
N LYS E 42 -8.55 36.24 8.11
CA LYS E 42 -9.55 36.45 7.11
C LYS E 42 -10.92 36.29 7.76
N LYS E 43 -11.05 35.19 8.52
CA LYS E 43 -12.32 34.84 9.22
C LYS E 43 -12.67 35.74 10.33
N LEU E 44 -11.69 36.10 11.14
CA LEU E 44 -11.98 37.04 12.22
C LEU E 44 -12.54 38.37 11.71
N THR E 45 -11.84 38.99 10.77
CA THR E 45 -12.20 40.35 10.34
C THR E 45 -13.50 40.41 9.54
N GLU E 46 -13.77 39.35 8.79
CA GLU E 46 -14.82 39.34 7.77
C GLU E 46 -14.68 40.42 6.64
N HIS E 47 -13.51 41.02 6.50
CA HIS E 47 -13.35 42.14 5.62
C HIS E 47 -13.21 41.64 4.20
N PRO E 48 -13.86 42.29 3.23
CA PRO E 48 -13.78 41.76 1.86
C PRO E 48 -12.42 41.80 1.19
N SER E 49 -11.52 42.68 1.65
CA SER E 49 -10.11 42.66 1.19
C SER E 49 -9.28 41.53 1.74
N GLY E 50 -9.77 40.86 2.78
CA GLY E 50 -9.05 39.76 3.39
C GLY E 50 -7.59 39.92 3.64
N SER E 51 -6.81 38.94 3.18
CA SER E 51 -5.36 38.99 3.31
C SER E 51 -4.68 40.11 2.56
N ASP E 52 -5.36 40.74 1.62
CA ASP E 52 -4.82 41.92 0.92
C ASP E 52 -4.60 43.03 1.92
N LEU E 53 -5.34 43.05 3.05
CA LEU E 53 -5.03 44.06 4.07
C LEU E 53 -3.60 44.00 4.57
N LEU E 54 -3.06 42.79 4.64
CA LEU E 54 -1.70 42.56 5.13
C LEU E 54 -0.60 42.79 4.09
N TYR E 55 -0.85 42.31 2.89
CA TYR E 55 0.17 42.14 1.83
C TYR E 55 -0.01 43.03 0.58
N TYR E 56 -1.24 43.48 0.30
CA TYR E 56 -1.56 44.35 -0.83
C TYR E 56 -2.44 45.55 -0.36
N PRO E 57 -1.94 46.30 0.63
CA PRO E 57 -2.74 47.28 1.32
C PRO E 57 -3.02 48.47 0.42
N ASN E 58 -4.15 49.12 0.63
CA ASN E 58 -4.48 50.33 -0.07
C ASN E 58 -3.43 51.40 0.20
N GLU E 59 -2.99 52.08 -0.84
CA GLU E 59 -1.96 53.14 -0.68
C GLU E 59 -2.51 54.39 0.02
N ASN E 60 -3.81 54.40 0.32
CA ASN E 60 -4.41 55.56 1.00
C ASN E 60 -4.30 55.50 2.51
N ARG E 61 -3.69 54.44 3.06
CA ARG E 61 -3.47 54.32 4.49
C ARG E 61 -2.09 53.76 4.78
N GLU E 62 -1.72 53.68 6.06
CA GLU E 62 -0.43 53.20 6.42
C GLU E 62 -0.31 51.68 6.29
N ASP E 63 0.81 51.23 5.71
CA ASP E 63 1.11 49.80 5.64
C ASP E 63 1.87 49.37 6.88
N SER E 64 1.12 48.90 7.85
CA SER E 64 1.61 48.50 9.14
C SER E 64 0.53 47.74 9.88
N PRO E 65 0.91 46.98 10.92
CA PRO E 65 -0.14 46.41 11.76
C PRO E 65 -1.19 47.40 12.28
N ALA E 66 -0.78 48.61 12.67
CA ALA E 66 -1.75 49.60 13.17
C ALA E 66 -2.69 50.04 12.05
N GLY E 67 -2.14 50.18 10.85
CA GLY E 67 -2.95 50.48 9.68
C GLY E 67 -3.99 49.42 9.39
N VAL E 68 -3.61 48.14 9.56
CA VAL E 68 -4.50 47.04 9.26
C VAL E 68 -5.65 47.09 10.24
N VAL E 69 -5.32 47.33 11.51
CA VAL E 69 -6.34 47.27 12.58
C VAL E 69 -7.33 48.45 12.40
N LYS E 70 -6.80 49.60 12.10
CA LYS E 70 -7.65 50.77 11.86
C LYS E 70 -8.58 50.55 10.69
N GLU E 71 -8.11 49.92 9.61
CA GLU E 71 -8.96 49.73 8.45
C GLU E 71 -10.09 48.74 8.80
N VAL E 72 -9.74 47.67 9.51
CA VAL E 72 -10.68 46.66 9.92
C VAL E 72 -11.75 47.32 10.80
N LYS E 73 -11.24 48.08 11.76
CA LYS E 73 -12.11 48.70 12.77
C LYS E 73 -13.16 49.58 12.13
N GLU E 74 -12.67 50.48 11.29
CA GLU E 74 -13.51 51.44 10.62
C GLU E 74 -14.49 50.78 9.67
N TRP E 75 -14.05 49.80 8.90
CA TRP E 75 -14.97 49.05 8.03
C TRP E 75 -16.05 48.37 8.85
N ARG E 76 -15.66 47.69 9.91
CA ARG E 76 -16.64 46.95 10.67
C ARG E 76 -17.69 47.95 11.26
N ALA E 77 -17.20 49.05 11.81
CA ALA E 77 -18.13 50.07 12.39
C ALA E 77 -19.09 50.58 11.29
N SER E 78 -18.52 50.90 10.10
CA SER E 78 -19.31 51.40 8.94
C SER E 78 -20.41 50.44 8.57
N LYS E 79 -20.19 49.16 8.85
CA LYS E 79 -21.16 48.12 8.57
C LYS E 79 -22.08 47.78 9.76
N GLY E 80 -21.90 48.48 10.88
CA GLY E 80 -22.61 48.18 12.10
C GLY E 80 -22.39 46.77 12.59
N LEU E 81 -21.17 46.24 12.43
CA LEU E 81 -20.85 44.93 12.92
C LEU E 81 -20.23 45.02 14.29
N PRO E 82 -20.26 43.92 15.06
CA PRO E 82 -19.68 43.96 16.39
C PRO E 82 -18.20 44.36 16.43
N GLY E 83 -17.81 45.17 17.41
CA GLY E 83 -16.43 45.67 17.51
C GLY E 83 -15.56 44.95 18.51
N PHE E 84 -14.43 45.55 18.86
CA PHE E 84 -13.48 44.99 19.83
C PHE E 84 -14.06 45.10 21.25
N LYS E 85 -13.72 44.14 22.11
CA LYS E 85 -13.96 44.21 23.56
C LYS E 85 -13.31 45.46 24.12
N ALA E 86 -13.93 46.00 25.14
CA ALA E 86 -13.34 47.14 25.86
C ALA E 86 -12.09 46.67 26.65
N GLY E 87 -11.14 47.60 26.80
CA GLY E 87 -9.83 47.28 27.37
C GLY E 87 -9.31 48.41 28.25
N ARG F 1 6.11 9.60 -3.76
CA ARG F 1 6.58 11.00 -3.57
C ARG F 1 6.45 11.76 -4.88
N ASP F 2 6.41 13.08 -4.78
CA ASP F 2 6.21 13.90 -5.98
C ASP F 2 7.43 13.75 -6.86
N PRO F 3 7.27 13.67 -8.17
CA PRO F 3 8.50 13.55 -8.97
C PRO F 3 9.46 14.73 -8.85
N ARG F 4 8.96 15.91 -8.45
CA ARG F 4 9.85 17.05 -8.25
C ARG F 4 10.63 16.96 -6.93
N ASP F 5 10.18 16.06 -6.04
CA ASP F 5 10.73 16.02 -4.67
C ASP F 5 12.02 15.20 -4.54
N VAL F 6 13.07 15.67 -5.18
CA VAL F 6 14.24 14.83 -5.38
C VAL F 6 15.43 15.71 -5.23
N PRO F 7 16.60 15.11 -4.96
CA PRO F 7 17.81 15.88 -4.96
C PRO F 7 18.23 16.29 -6.36
N GLY F 8 18.88 17.43 -6.47
CA GLY F 8 19.33 17.90 -7.75
C GLY F 8 20.06 19.23 -7.64
N ALA F 9 20.47 19.77 -8.77
CA ALA F 9 21.18 21.02 -8.79
C ALA F 9 20.50 21.96 -9.70
N ALA F 10 20.51 23.23 -9.37
CA ALA F 10 19.91 24.20 -10.26
C ALA F 10 20.73 24.37 -11.51
N THR F 11 20.04 24.52 -12.60
CA THR F 11 20.65 24.60 -13.91
C THR F 11 19.86 25.62 -14.72
N GLY F 12 20.47 26.20 -15.72
CA GLY F 12 19.71 26.98 -16.67
C GLY F 12 19.52 28.45 -16.45
N LYS F 13 18.73 29.05 -17.31
CA LYS F 13 18.58 30.48 -17.37
C LYS F 13 17.14 30.85 -17.02
N GLY F 14 16.99 31.87 -16.23
CA GLY F 14 15.71 32.55 -16.16
C GLY F 14 15.58 33.67 -17.17
N GLN F 15 14.70 34.63 -16.89
CA GLN F 15 14.48 35.75 -17.81
C GLN F 15 14.54 37.06 -17.06
N PRO F 16 14.94 38.11 -17.72
CA PRO F 16 14.93 39.41 -17.00
C PRO F 16 13.49 39.85 -16.81
N VAL F 17 13.16 40.43 -15.67
CA VAL F 17 11.79 40.82 -15.37
C VAL F 17 11.68 42.29 -15.11
N SER F 18 10.41 42.76 -15.13
CA SER F 18 10.02 44.13 -14.90
C SER F 18 9.90 44.49 -13.41
N GLY F 19 9.48 45.70 -13.17
CA GLY F 19 9.10 46.18 -11.88
C GLY F 19 7.86 45.54 -11.29
N ASN F 20 7.19 44.65 -12.00
CA ASN F 20 6.04 43.99 -11.43
C ASN F 20 6.08 42.55 -11.86
N TRP F 21 7.05 41.86 -11.31
CA TRP F 21 7.32 40.48 -11.72
C TRP F 21 6.10 39.53 -11.64
N LEU F 22 5.48 39.51 -10.48
CA LEU F 22 4.40 38.59 -10.21
C LEU F 22 3.06 39.04 -10.75
N GLY F 23 3.01 40.23 -11.28
CA GLY F 23 1.88 40.58 -12.15
C GLY F 23 1.63 39.51 -13.20
N ALA F 24 2.67 38.84 -13.70
CA ALA F 24 2.50 37.82 -14.70
C ALA F 24 2.09 36.47 -14.14
N ALA F 25 2.09 36.28 -12.83
CA ALA F 25 1.84 34.93 -12.30
C ALA F 25 0.38 34.55 -12.44
N SER F 26 -0.48 35.57 -12.60
CA SER F 26 -1.90 35.37 -12.81
C SER F 26 -2.36 35.20 -14.24
N GLN F 27 -1.47 35.29 -15.22
CA GLN F 27 -1.86 35.10 -16.62
C GLN F 27 -0.97 34.25 -17.43
N GLY F 28 -1.43 33.95 -18.62
CA GLY F 28 -0.69 33.07 -19.48
C GLY F 28 -0.18 31.81 -18.84
N GLU F 29 1.08 31.54 -19.12
CA GLU F 29 1.77 30.45 -18.52
C GLU F 29 2.39 30.76 -17.14
N GLY F 30 2.32 32.00 -16.65
CA GLY F 30 2.89 32.34 -15.35
C GLY F 30 4.10 33.20 -15.50
N ALA F 31 4.72 33.54 -14.37
CA ALA F 31 5.84 34.47 -14.40
C ALA F 31 7.09 33.60 -14.52
N PRO F 32 8.07 34.03 -15.32
CA PRO F 32 9.33 33.33 -15.36
C PRO F 32 10.19 33.49 -14.11
N ILE F 33 11.17 32.61 -13.95
CA ILE F 33 12.21 32.82 -12.91
C ILE F 33 13.08 34.01 -13.25
N PRO F 34 13.21 34.99 -12.37
CA PRO F 34 14.02 36.13 -12.67
C PRO F 34 15.47 35.76 -12.92
N SER F 35 16.09 36.35 -13.94
CA SER F 35 17.43 35.93 -14.33
C SER F 35 18.45 36.02 -13.16
N GLN F 36 18.31 37.01 -12.27
CA GLN F 36 19.23 37.14 -11.15
C GLN F 36 19.09 36.04 -10.09
N ILE F 37 17.90 35.47 -9.94
CA ILE F 37 17.69 34.41 -9.02
C ILE F 37 18.17 33.08 -9.64
N ALA F 38 17.89 32.88 -10.93
CA ALA F 38 18.48 31.74 -11.62
C ALA F 38 20.00 31.80 -11.51
N ASP F 39 20.56 33.00 -11.62
CA ASP F 39 22.00 33.17 -11.46
C ASP F 39 22.47 32.80 -10.02
N LYS F 40 21.83 33.39 -9.01
CA LYS F 40 22.20 33.17 -7.61
C LYS F 40 22.19 31.71 -7.22
N LEU F 41 21.20 30.98 -7.69
CA LEU F 41 21.05 29.52 -7.43
C LEU F 41 21.84 28.55 -8.31
N ARG F 42 22.44 29.04 -9.38
CA ARG F 42 23.02 28.15 -10.37
C ARG F 42 24.15 27.30 -9.75
N GLY F 43 24.07 25.99 -9.95
CA GLY F 43 25.09 25.09 -9.43
C GLY F 43 24.86 24.69 -8.00
N LYS F 44 23.91 25.31 -7.29
CA LYS F 44 23.61 24.92 -5.96
C LYS F 44 22.88 23.60 -5.92
N THR F 45 23.11 22.82 -4.88
CA THR F 45 22.40 21.52 -4.74
C THR F 45 21.27 21.57 -3.75
N PHE F 46 20.18 20.85 -4.05
CA PHE F 46 19.07 20.81 -3.11
C PHE F 46 18.81 19.38 -2.71
N LYS F 47 18.40 19.26 -1.45
CA LYS F 47 18.02 17.98 -0.86
C LYS F 47 16.70 17.45 -1.38
N ASN F 48 15.74 18.35 -1.55
CA ASN F 48 14.44 18.00 -1.99
C ASN F 48 13.72 19.30 -2.38
N TRP F 49 12.45 19.21 -2.70
CA TRP F 49 11.78 20.38 -3.24
C TRP F 49 11.69 21.53 -2.22
N ARG F 50 11.37 21.18 -0.98
N ARG F 50 11.36 21.18 -0.99
CA ARG F 50 11.20 22.19 0.07
CA ARG F 50 11.22 22.17 0.05
C ARG F 50 12.47 23.00 0.29
C ARG F 50 12.47 23.00 0.27
N ASP F 51 13.62 22.35 0.18
CA ASP F 51 14.93 22.99 0.32
C ASP F 51 15.13 24.05 -0.81
N PHE F 52 14.85 23.62 -2.05
CA PHE F 52 14.90 24.50 -3.21
C PHE F 52 14.01 25.70 -2.97
N ARG F 53 12.74 25.42 -2.66
CA ARG F 53 11.74 26.47 -2.53
C ARG F 53 12.14 27.48 -1.45
N GLU F 54 12.60 26.96 -0.32
CA GLU F 54 13.15 27.82 0.69
C GLU F 54 14.27 28.74 0.17
N GLN F 55 15.26 28.16 -0.49
CA GLN F 55 16.40 28.93 -0.97
C GLN F 55 16.01 29.95 -2.02
N PHE F 56 15.01 29.57 -2.82
CA PHE F 56 14.47 30.44 -3.84
C PHE F 56 13.81 31.67 -3.23
N TRP F 57 12.87 31.52 -2.28
CA TRP F 57 12.25 32.74 -1.73
C TRP F 57 13.15 33.58 -0.89
N ILE F 58 14.10 32.93 -0.22
CA ILE F 58 15.17 33.66 0.50
C ILE F 58 15.99 34.52 -0.46
N ALA F 59 16.31 33.99 -1.61
CA ALA F 59 17.03 34.74 -2.63
C ALA F 59 16.24 35.91 -3.22
N VAL F 60 14.93 35.72 -3.44
CA VAL F 60 14.08 36.80 -3.86
C VAL F 60 14.07 37.92 -2.80
N ALA F 61 13.84 37.57 -1.54
CA ALA F 61 13.81 38.60 -0.49
C ALA F 61 15.13 39.34 -0.36
N ASN F 62 16.26 38.72 -0.68
CA ASN F 62 17.54 39.35 -0.53
C ASN F 62 17.96 40.12 -1.76
N ASP F 63 17.19 40.08 -2.84
CA ASP F 63 17.61 40.69 -4.10
C ASP F 63 17.31 42.17 -4.06
N PRO F 64 18.31 43.01 -4.35
CA PRO F 64 18.03 44.44 -4.20
C PRO F 64 16.84 44.91 -5.05
N GLU F 65 16.72 44.44 -6.30
CA GLU F 65 15.61 44.90 -7.17
C GLU F 65 14.27 44.22 -6.88
N LEU F 66 14.27 42.90 -6.76
CA LEU F 66 12.94 42.24 -6.51
C LEU F 66 12.35 42.55 -5.15
N SER F 67 13.20 42.78 -4.17
CA SER F 67 12.63 42.93 -2.84
C SER F 67 11.81 44.22 -2.71
N LYS F 68 12.09 45.19 -3.56
CA LYS F 68 11.28 46.38 -3.60
C LYS F 68 9.82 46.19 -4.03
N GLN F 69 9.49 45.07 -4.66
CA GLN F 69 8.15 44.75 -5.12
C GLN F 69 7.32 44.05 -4.09
N PHE F 70 7.82 43.87 -2.87
CA PHE F 70 7.10 43.18 -1.84
C PHE F 70 7.04 44.05 -0.58
N ASN F 71 5.90 44.02 0.12
CA ASN F 71 5.79 44.85 1.27
C ASN F 71 6.51 44.15 2.47
N PRO F 72 6.60 44.83 3.60
CA PRO F 72 7.33 44.28 4.73
C PRO F 72 6.71 43.00 5.28
N GLY F 73 5.37 42.88 5.18
CA GLY F 73 4.68 41.68 5.59
C GLY F 73 5.13 40.49 4.77
N SER F 74 5.18 40.71 3.46
CA SER F 74 5.58 39.64 2.50
C SER F 74 7.03 39.25 2.71
N LEU F 75 7.90 40.23 2.89
CA LEU F 75 9.34 39.99 3.10
C LEU F 75 9.66 39.23 4.42
N ALA F 76 8.90 39.46 5.50
CA ALA F 76 9.04 38.68 6.69
C ALA F 76 8.79 37.14 6.50
N VAL F 77 7.84 36.80 5.64
CA VAL F 77 7.54 35.39 5.21
C VAL F 77 8.66 34.85 4.27
N MET F 78 9.08 35.66 3.32
CA MET F 78 10.07 35.26 2.35
C MET F 78 11.48 35.14 2.90
N ARG F 79 11.85 36.00 3.86
CA ARG F 79 13.16 35.91 4.46
C ARG F 79 13.30 34.61 5.20
N ASP F 80 12.16 34.00 5.54
CA ASP F 80 12.12 32.80 6.29
C ASP F 80 11.95 31.61 5.35
N GLY F 81 12.00 31.79 4.04
CA GLY F 81 11.84 30.69 3.13
C GLY F 81 10.46 30.37 2.62
N GLY F 82 9.49 31.19 2.99
CA GLY F 82 8.14 31.01 2.51
C GLY F 82 7.79 31.78 1.25
N ALA F 83 6.84 31.25 0.52
CA ALA F 83 6.28 31.88 -0.59
C ALA F 83 5.34 33.04 -0.15
N PRO F 84 5.26 34.08 -0.94
CA PRO F 84 4.37 35.21 -0.67
C PRO F 84 2.93 34.76 -0.90
N TYR F 85 2.04 35.36 -0.18
CA TYR F 85 0.64 35.25 -0.38
C TYR F 85 0.19 35.98 -1.64
N VAL F 86 -0.76 35.38 -2.34
CA VAL F 86 -1.38 36.02 -3.50
C VAL F 86 -2.58 36.95 -3.09
N ARG F 87 -2.94 37.80 -4.04
CA ARG F 87 -4.13 38.67 -3.90
C ARG F 87 -5.34 37.79 -3.76
N GLU F 88 -6.31 38.24 -2.97
CA GLU F 88 -7.54 37.50 -2.74
C GLU F 88 -8.17 36.98 -3.98
N SER F 89 -8.15 37.81 -5.01
CA SER F 89 -8.77 37.42 -6.27
C SER F 89 -8.08 36.25 -6.97
N GLU F 90 -6.87 35.86 -6.51
CA GLU F 90 -6.12 34.76 -7.14
C GLU F 90 -5.96 33.55 -6.23
N GLN F 91 -6.66 33.54 -5.11
CA GLN F 91 -6.63 32.43 -4.19
C GLN F 91 -7.63 31.33 -4.62
N ALA F 92 -7.38 30.10 -4.22
CA ALA F 92 -8.26 28.96 -4.52
C ALA F 92 -8.40 28.23 -3.22
N GLY F 93 -9.43 28.63 -2.47
CA GLY F 93 -9.72 28.10 -1.14
C GLY F 93 -8.48 28.12 -0.26
N GLY F 94 -7.96 26.92 0.03
CA GLY F 94 -6.86 26.79 0.97
C GLY F 94 -5.50 27.06 0.38
N ARG F 95 -5.43 27.14 -0.96
CA ARG F 95 -4.16 27.52 -1.63
C ARG F 95 -4.14 29.01 -1.77
N ILE F 96 -3.32 29.63 -0.93
CA ILE F 96 -3.25 31.08 -0.91
C ILE F 96 -1.88 31.71 -1.13
N LYS F 97 -0.92 30.89 -1.57
CA LYS F 97 0.43 31.33 -1.86
C LYS F 97 0.83 31.10 -3.33
N ILE F 98 1.82 31.89 -3.80
CA ILE F 98 2.41 31.63 -5.14
C ILE F 98 2.99 30.21 -5.12
N GLU F 99 2.83 29.53 -6.23
CA GLU F 99 3.32 28.18 -6.42
C GLU F 99 4.25 28.15 -7.59
N ILE F 100 5.27 27.29 -7.54
CA ILE F 100 6.20 27.19 -8.65
C ILE F 100 5.82 25.90 -9.42
N HIS F 101 5.58 26.04 -10.74
N HIS F 101 5.69 25.97 -10.72
CA HIS F 101 5.02 25.04 -11.72
CA HIS F 101 5.35 24.79 -11.43
C HIS F 101 6.11 24.64 -12.72
C HIS F 101 6.23 24.58 -12.62
N HIS F 102 6.12 23.38 -13.13
CA HIS F 102 7.01 22.94 -14.26
C HIS F 102 6.28 23.05 -15.58
N LYS F 103 6.83 23.82 -16.52
CA LYS F 103 6.23 24.01 -17.84
C LYS F 103 6.08 22.70 -18.61
N VAL F 104 7.17 21.96 -18.66
CA VAL F 104 7.21 20.61 -19.18
C VAL F 104 7.22 19.66 -18.03
N ARG F 105 6.29 18.72 -18.05
CA ARG F 105 6.21 17.76 -16.99
C ARG F 105 7.54 16.94 -16.88
N ILE F 106 7.92 16.69 -15.63
CA ILE F 106 9.11 15.92 -15.30
C ILE F 106 9.07 14.53 -15.96
N ALA F 107 7.89 13.89 -15.92
CA ALA F 107 7.68 12.64 -16.75
C ALA F 107 7.92 12.77 -18.24
N ASP F 108 7.70 13.94 -18.79
CA ASP F 108 7.91 14.18 -20.19
C ASP F 108 9.30 14.68 -20.48
N GLY F 109 10.19 14.65 -19.50
CA GLY F 109 11.57 15.07 -19.79
C GLY F 109 11.92 16.39 -19.18
N GLY F 110 10.96 17.02 -18.52
CA GLY F 110 11.15 18.33 -17.97
C GLY F 110 12.16 18.36 -16.87
N GLY F 111 13.00 19.41 -16.80
CA GLY F 111 14.01 19.45 -15.72
C GLY F 111 13.39 19.89 -14.40
N VAL F 112 13.83 19.26 -13.30
CA VAL F 112 13.25 19.52 -11.99
C VAL F 112 13.64 20.91 -11.53
N TYR F 113 14.95 21.17 -11.62
CA TYR F 113 15.50 22.49 -11.21
C TYR F 113 16.19 23.22 -12.39
N ASN F 114 15.70 22.99 -13.59
CA ASN F 114 16.11 23.76 -14.73
C ASN F 114 15.26 25.00 -14.66
N MET F 115 15.88 26.11 -14.40
CA MET F 115 15.12 27.37 -14.22
C MET F 115 14.31 27.77 -15.45
N GLY F 116 14.75 27.34 -16.64
CA GLY F 116 13.99 27.48 -17.88
C GLY F 116 12.70 26.67 -17.92
N ASN F 117 12.48 25.80 -16.97
CA ASN F 117 11.24 25.00 -16.94
C ASN F 117 10.31 25.48 -15.88
N LEU F 118 10.65 26.54 -15.16
CA LEU F 118 9.87 26.89 -14.00
C LEU F 118 9.13 28.18 -14.17
N VAL F 119 7.93 28.23 -13.62
CA VAL F 119 7.14 29.47 -13.61
C VAL F 119 6.53 29.64 -12.24
N ALA F 120 6.38 30.92 -11.85
CA ALA F 120 5.64 31.25 -10.61
C ALA F 120 4.21 31.56 -11.04
N VAL F 121 3.26 30.80 -10.47
N VAL F 121 3.25 30.85 -10.46
CA VAL F 121 1.86 30.87 -10.80
CA VAL F 121 1.88 30.97 -10.87
C VAL F 121 0.98 31.09 -9.57
C VAL F 121 0.96 31.04 -9.63
N THR F 122 -0.14 31.80 -9.74
CA THR F 122 -1.13 31.85 -8.67
C THR F 122 -1.93 30.58 -8.68
N PRO F 123 -2.51 30.23 -7.53
CA PRO F 123 -3.32 29.03 -7.43
C PRO F 123 -4.44 29.08 -8.44
N LYS F 124 -5.12 30.22 -8.58
CA LYS F 124 -6.21 30.28 -9.51
C LYS F 124 -5.80 30.03 -10.96
N ARG F 125 -4.69 30.62 -11.40
CA ARG F 125 -4.21 30.45 -12.76
C ARG F 125 -3.74 29.02 -12.94
N HIS F 126 -3.03 28.51 -11.94
CA HIS F 126 -2.51 27.13 -11.94
CA HIS F 126 -2.52 27.14 -12.05
C HIS F 126 -3.61 26.09 -12.28
N ILE F 127 -4.70 26.21 -11.54
CA ILE F 127 -5.84 25.31 -11.67
C ILE F 127 -6.39 25.40 -13.09
N GLU F 128 -6.52 26.62 -13.65
CA GLU F 128 -6.98 26.78 -15.05
C GLU F 128 -5.99 26.15 -16.07
N ILE F 129 -4.69 26.37 -15.89
CA ILE F 129 -3.66 25.75 -16.75
C ILE F 129 -3.82 24.22 -16.85
N HIS F 130 -3.84 23.53 -15.72
CA HIS F 130 -4.07 22.10 -15.65
C HIS F 130 -5.58 21.70 -15.82
N LYS F 131 -6.31 22.27 -16.77
CA LYS F 131 -7.69 21.81 -17.01
C LYS F 131 -7.87 21.26 -18.41
N LYS G 2 -10.42 -17.24 35.11
CA LYS G 2 -9.85 -18.63 35.20
C LYS G 2 -10.88 -19.71 34.84
N SER G 3 -11.43 -20.45 35.80
CA SER G 3 -12.27 -21.63 35.48
C SER G 3 -13.75 -21.39 35.15
N LYS G 4 -14.34 -20.34 35.71
CA LYS G 4 -15.79 -20.05 35.56
C LYS G 4 -16.00 -18.75 34.78
N ILE G 5 -17.04 -18.70 33.98
CA ILE G 5 -17.32 -17.49 33.22
C ILE G 5 -17.73 -16.30 34.11
N SER G 6 -18.38 -16.60 35.24
CA SER G 6 -18.68 -15.54 36.21
C SER G 6 -17.44 -14.90 36.81
N GLU G 7 -16.27 -15.48 36.59
CA GLU G 7 -15.01 -14.86 37.00
C GLU G 7 -14.61 -13.74 36.06
N TYR G 8 -15.25 -13.63 34.91
CA TYR G 8 -14.94 -12.56 33.96
C TYR G 8 -15.98 -11.47 34.00
N THR G 9 -15.58 -10.22 33.78
CA THR G 9 -16.52 -9.21 33.34
C THR G 9 -16.92 -9.44 31.88
N GLU G 10 -18.02 -8.83 31.47
CA GLU G 10 -18.48 -8.94 30.09
C GLU G 10 -17.44 -8.39 29.11
N LYS G 11 -16.87 -7.23 29.41
CA LYS G 11 -15.77 -6.69 28.61
C LYS G 11 -14.54 -7.62 28.53
N GLU G 12 -14.13 -8.25 29.64
CA GLU G 12 -12.99 -9.21 29.57
C GLU G 12 -13.38 -10.41 28.68
N PHE G 13 -14.63 -10.84 28.75
CA PHE G 13 -15.05 -12.03 28.01
C PHE G 13 -15.16 -11.65 26.56
N LEU G 14 -15.68 -10.46 26.27
CA LEU G 14 -15.67 -9.98 24.92
C LEU G 14 -14.23 -9.91 24.32
N GLU G 15 -13.25 -9.49 25.09
N GLU G 15 -13.25 -9.47 25.10
CA GLU G 15 -11.91 -9.42 24.52
CA GLU G 15 -11.84 -9.41 24.61
C GLU G 15 -11.34 -10.82 24.24
C GLU G 15 -11.39 -10.83 24.22
N PHE G 16 -11.70 -11.81 25.06
CA PHE G 16 -11.31 -13.23 24.85
C PHE G 16 -11.94 -13.73 23.55
N VAL G 17 -13.23 -13.49 23.38
CA VAL G 17 -13.86 -13.85 22.16
C VAL G 17 -13.29 -13.16 20.91
N LYS G 18 -13.02 -11.85 21.01
CA LYS G 18 -12.34 -11.13 19.93
C LYS G 18 -11.03 -11.74 19.54
N ASP G 19 -10.23 -12.11 20.55
CA ASP G 19 -8.88 -12.64 20.35
C ASP G 19 -8.97 -14.00 19.65
N ILE G 20 -10.00 -14.80 20.04
CA ILE G 20 -10.24 -16.08 19.33
C ILE G 20 -10.63 -15.81 17.88
N TYR G 21 -11.62 -14.96 17.73
CA TYR G 21 -12.30 -14.71 16.46
C TYR G 21 -11.36 -14.07 15.43
N THR G 22 -10.47 -13.19 15.89
CA THR G 22 -9.56 -12.54 14.99
C THR G 22 -8.23 -13.26 14.93
N ASN G 23 -8.09 -14.35 15.68
CA ASN G 23 -6.87 -15.13 15.78
C ASN G 23 -5.69 -14.24 16.09
N ASN G 24 -5.76 -13.64 17.25
CA ASN G 24 -4.70 -12.81 17.80
C ASN G 24 -3.48 -13.62 18.26
N LYS G 25 -2.43 -13.58 17.46
CA LYS G 25 -1.18 -14.30 17.72
C LYS G 25 -0.39 -13.91 19.00
N LYS G 26 -0.62 -12.70 19.53
CA LYS G 26 -0.07 -12.37 20.84
C LYS G 26 -0.56 -13.29 21.92
N LYS G 27 -1.83 -13.69 21.82
CA LYS G 27 -2.47 -14.53 22.82
C LYS G 27 -2.43 -16.01 22.47
N PHE G 28 -2.52 -16.27 21.17
CA PHE G 28 -2.62 -17.59 20.60
C PHE G 28 -1.55 -17.75 19.51
N PRO G 29 -0.30 -17.81 19.91
CA PRO G 29 0.78 -17.84 18.88
C PRO G 29 0.85 -19.09 18.00
N THR G 30 0.22 -20.20 18.40
CA THR G 30 0.25 -21.42 17.61
C THR G 30 -1.18 -21.91 17.45
N GLU G 31 -1.40 -22.70 16.42
CA GLU G 31 -2.67 -23.39 16.24
C GLU G 31 -3.10 -24.19 17.43
N GLU G 32 -2.17 -24.91 18.03
CA GLU G 32 -2.49 -25.64 19.28
C GLU G 32 -3.03 -24.74 20.39
N SER G 33 -2.45 -23.55 20.58
CA SER G 33 -2.99 -22.67 21.60
C SER G 33 -4.37 -22.19 21.23
N HIS G 34 -4.64 -21.99 19.93
CA HIS G 34 -5.94 -21.54 19.49
C HIS G 34 -7.03 -22.63 19.73
N ILE G 35 -6.74 -23.86 19.36
CA ILE G 35 -7.61 -24.95 19.69
C ILE G 35 -7.95 -25.00 21.18
N GLN G 36 -6.93 -24.84 22.03
CA GLN G 36 -7.13 -24.83 23.45
C GLN G 36 -8.08 -23.73 23.86
N ALA G 37 -7.92 -22.57 23.27
CA ALA G 37 -8.84 -21.41 23.55
C ALA G 37 -10.28 -21.70 23.18
N VAL G 38 -10.47 -22.36 22.04
CA VAL G 38 -11.83 -22.74 21.58
C VAL G 38 -12.45 -23.77 22.50
N LEU G 39 -11.65 -24.77 22.90
CA LEU G 39 -12.12 -25.69 23.97
C LEU G 39 -12.45 -25.05 25.31
N GLU G 40 -11.66 -24.03 25.72
CA GLU G 40 -11.94 -23.28 26.91
C GLU G 40 -13.19 -22.48 26.75
N PHE G 41 -13.36 -21.89 25.58
CA PHE G 41 -14.58 -21.10 25.31
C PHE G 41 -15.82 -21.98 25.49
N LYS G 42 -15.76 -23.14 24.87
CA LYS G 42 -16.82 -24.17 24.97
C LYS G 42 -17.17 -24.44 26.43
N LYS G 43 -16.14 -24.74 27.23
CA LYS G 43 -16.33 -25.15 28.63
C LYS G 43 -16.89 -23.99 29.45
N LEU G 44 -16.26 -22.82 29.35
CA LEU G 44 -16.71 -21.62 30.07
C LEU G 44 -18.14 -21.26 29.81
N THR G 45 -18.55 -21.21 28.56
CA THR G 45 -19.88 -20.70 28.28
C THR G 45 -21.01 -21.66 28.73
N GLU G 46 -20.71 -22.95 28.64
CA GLU G 46 -21.70 -24.03 28.75
C GLU G 46 -22.77 -24.01 27.66
N HIS G 47 -22.56 -23.26 26.59
CA HIS G 47 -23.62 -23.08 25.59
C HIS G 47 -23.75 -24.25 24.60
N PRO G 48 -24.99 -24.69 24.29
CA PRO G 48 -25.10 -25.88 23.45
C PRO G 48 -24.50 -25.81 22.04
N SER G 49 -24.56 -24.67 21.39
CA SER G 49 -23.92 -24.47 20.13
C SER G 49 -22.36 -24.53 20.20
N GLY G 50 -21.77 -24.43 21.40
CA GLY G 50 -20.29 -24.46 21.52
C GLY G 50 -19.61 -23.61 20.46
N SER G 51 -18.66 -24.19 19.72
CA SER G 51 -17.87 -23.42 18.77
C SER G 51 -18.64 -22.96 17.53
N ASP G 52 -19.84 -23.51 17.29
CA ASP G 52 -20.69 -23.03 16.21
C ASP G 52 -21.05 -21.54 16.44
N LEU G 53 -21.03 -21.08 17.69
CA LEU G 53 -21.29 -19.64 17.94
C LEU G 53 -20.26 -18.82 17.21
N LEU G 54 -19.03 -19.33 17.09
CA LEU G 54 -18.00 -18.56 16.45
C LEU G 54 -18.00 -18.74 14.95
N TYR G 55 -18.17 -19.99 14.48
CA TYR G 55 -17.84 -20.31 13.10
C TYR G 55 -19.04 -20.59 12.21
N TYR G 56 -20.15 -21.01 12.82
CA TYR G 56 -21.39 -21.39 12.16
C TYR G 56 -22.56 -20.68 12.85
N PRO G 57 -22.54 -19.35 12.91
CA PRO G 57 -23.50 -18.67 13.80
C PRO G 57 -24.91 -18.64 13.21
N ASN G 58 -25.89 -18.50 14.07
CA ASN G 58 -27.28 -18.25 13.59
C ASN G 58 -27.31 -16.96 12.77
N GLU G 59 -27.94 -17.03 11.60
CA GLU G 59 -28.09 -15.83 10.73
C GLU G 59 -29.09 -14.80 11.29
N ASN G 60 -29.87 -15.18 12.29
CA ASN G 60 -30.77 -14.23 12.97
C ASN G 60 -30.07 -13.27 13.93
N ARG G 61 -28.74 -13.27 13.99
CA ARG G 61 -28.02 -12.31 14.82
C ARG G 61 -26.70 -11.94 14.18
N GLU G 62 -25.99 -11.01 14.78
CA GLU G 62 -24.80 -10.52 14.12
C GLU G 62 -23.61 -11.51 14.24
N ASP G 63 -22.91 -11.71 13.11
CA ASP G 63 -21.65 -12.51 13.07
C ASP G 63 -20.43 -11.71 13.47
N SER G 64 -20.21 -11.63 14.77
CA SER G 64 -19.15 -10.79 15.31
C SER G 64 -18.94 -11.24 16.74
N PRO G 65 -17.79 -10.89 17.32
CA PRO G 65 -17.62 -11.08 18.75
C PRO G 65 -18.79 -10.54 19.61
N ALA G 66 -19.33 -9.36 19.34
CA ALA G 66 -20.38 -8.84 20.21
C ALA G 66 -21.62 -9.70 20.07
N GLY G 67 -21.90 -10.16 18.86
CA GLY G 67 -23.01 -11.09 18.62
C GLY G 67 -22.87 -12.36 19.47
N VAL G 68 -21.67 -12.92 19.52
CA VAL G 68 -21.41 -14.17 20.31
C VAL G 68 -21.65 -13.88 21.79
N VAL G 69 -21.15 -12.75 22.28
CA VAL G 69 -21.24 -12.50 23.69
C VAL G 69 -22.69 -12.27 24.09
N LYS G 70 -23.46 -11.61 23.21
CA LYS G 70 -24.83 -11.34 23.52
C LYS G 70 -25.60 -12.67 23.54
N GLU G 71 -25.28 -13.56 22.62
CA GLU G 71 -26.02 -14.83 22.58
C GLU G 71 -25.76 -15.64 23.87
N VAL G 72 -24.49 -15.74 24.26
CA VAL G 72 -24.10 -16.40 25.49
C VAL G 72 -24.75 -15.75 26.74
N LYS G 73 -24.67 -14.42 26.82
CA LYS G 73 -25.20 -13.71 27.97
C LYS G 73 -26.67 -13.94 28.19
N GLU G 74 -27.41 -13.86 27.12
CA GLU G 74 -28.86 -14.07 27.21
C GLU G 74 -29.23 -15.52 27.51
N TRP G 75 -28.53 -16.45 26.86
CA TRP G 75 -28.77 -17.88 27.03
C TRP G 75 -28.57 -18.23 28.50
N ARG G 76 -27.44 -17.81 29.07
CA ARG G 76 -27.17 -18.08 30.47
C ARG G 76 -28.21 -17.45 31.40
N ALA G 77 -28.57 -16.21 31.12
CA ALA G 77 -29.63 -15.52 31.87
C ALA G 77 -30.93 -16.29 31.88
N SER G 78 -31.31 -16.79 30.71
CA SER G 78 -32.53 -17.56 30.54
C SER G 78 -32.56 -18.84 31.36
N LYS G 79 -31.40 -19.41 31.69
CA LYS G 79 -31.29 -20.58 32.54
C LYS G 79 -31.06 -20.33 34.02
N GLY G 80 -30.90 -19.08 34.48
CA GLY G 80 -30.56 -18.80 35.89
C GLY G 80 -29.09 -18.94 36.30
N LEU G 81 -28.23 -19.23 35.32
CA LEU G 81 -26.83 -19.46 35.57
C LEU G 81 -26.13 -18.18 35.91
N PRO G 82 -25.09 -18.26 36.73
CA PRO G 82 -24.37 -17.07 37.06
C PRO G 82 -23.87 -16.38 35.82
N GLY G 83 -24.06 -15.06 35.74
CA GLY G 83 -23.54 -14.26 34.61
C GLY G 83 -22.20 -13.62 34.88
N PHE G 84 -21.87 -12.61 34.10
CA PHE G 84 -20.59 -11.99 34.23
C PHE G 84 -20.40 -11.19 35.50
N LYS G 85 -19.15 -11.04 35.89
CA LYS G 85 -18.76 -10.18 36.99
C LYS G 85 -19.01 -8.70 36.68
N ALA G 86 -19.39 -7.93 37.69
CA ALA G 86 -19.58 -6.50 37.54
C ALA G 86 -18.26 -5.85 37.24
N GLY G 87 -18.29 -4.85 36.34
CA GLY G 87 -17.08 -4.08 35.94
C GLY G 87 -16.41 -3.29 37.05
N ARG H 1 7.96 -40.20 13.49
CA ARG H 1 7.68 -39.47 12.21
C ARG H 1 6.71 -40.32 11.34
N ASP H 2 5.46 -39.84 11.24
CA ASP H 2 4.42 -40.41 10.36
C ASP H 2 4.90 -40.54 8.92
N PRO H 3 4.35 -41.51 8.15
CA PRO H 3 4.73 -41.69 6.75
C PRO H 3 4.48 -40.49 5.83
N ARG H 4 3.47 -39.69 6.15
CA ARG H 4 3.24 -38.44 5.40
C ARG H 4 4.14 -37.28 5.77
N ASP H 5 4.90 -37.38 6.87
CA ASP H 5 5.62 -36.24 7.39
C ASP H 5 7.03 -36.20 6.86
N VAL H 6 7.08 -35.90 5.56
CA VAL H 6 8.27 -36.11 4.74
C VAL H 6 8.43 -34.94 3.72
N PRO H 7 9.65 -34.66 3.29
CA PRO H 7 9.78 -33.65 2.22
C PRO H 7 9.26 -34.16 0.92
N GLY H 8 8.74 -33.27 0.09
CA GLY H 8 8.37 -33.67 -1.29
C GLY H 8 7.72 -32.54 -2.03
N ALA H 9 6.99 -32.85 -3.09
CA ALA H 9 6.46 -31.80 -3.98
C ALA H 9 5.09 -32.14 -4.43
N ALA H 10 4.23 -31.15 -4.58
CA ALA H 10 2.87 -31.42 -5.05
C ALA H 10 2.84 -31.86 -6.48
N THR H 11 1.95 -32.79 -6.77
CA THR H 11 1.78 -33.33 -8.08
C THR H 11 0.30 -33.62 -8.22
N GLY H 12 -0.15 -33.77 -9.47
CA GLY H 12 -1.51 -34.21 -9.73
C GLY H 12 -2.51 -33.08 -9.72
N LYS H 13 -3.76 -33.48 -9.95
CA LYS H 13 -4.86 -32.59 -10.20
C LYS H 13 -5.90 -32.79 -9.14
N GLY H 14 -6.67 -31.76 -8.90
CA GLY H 14 -7.81 -31.91 -8.03
C GLY H 14 -9.07 -32.01 -8.89
N GLN H 15 -10.17 -31.47 -8.37
CA GLN H 15 -11.46 -31.55 -9.06
C GLN H 15 -12.17 -30.25 -8.94
N PRO H 16 -13.08 -29.95 -9.88
CA PRO H 16 -13.93 -28.78 -9.67
C PRO H 16 -14.88 -29.01 -8.49
N VAL H 17 -15.12 -27.96 -7.71
CA VAL H 17 -16.01 -28.08 -6.56
C VAL H 17 -17.08 -27.02 -6.54
N SER H 18 -18.13 -27.30 -5.77
CA SER H 18 -19.35 -26.52 -5.73
C SER H 18 -19.21 -25.32 -4.79
N GLY H 19 -20.33 -24.69 -4.49
CA GLY H 19 -20.35 -23.59 -3.51
C GLY H 19 -20.54 -24.02 -2.06
N ASN H 20 -20.38 -25.31 -1.77
CA ASN H 20 -20.36 -25.83 -0.41
C ASN H 20 -19.34 -26.98 -0.34
N TRP H 21 -18.10 -26.64 -0.67
CA TRP H 21 -17.05 -27.65 -0.91
C TRP H 21 -16.97 -28.62 0.24
N LEU H 22 -16.80 -28.08 1.45
CA LEU H 22 -16.64 -28.94 2.66
C LEU H 22 -17.92 -29.59 3.19
N GLY H 23 -19.07 -29.25 2.61
CA GLY H 23 -20.25 -30.10 2.81
C GLY H 23 -19.92 -31.55 2.62
N ALA H 24 -19.08 -31.84 1.62
CA ALA H 24 -18.69 -33.24 1.31
C ALA H 24 -17.73 -33.92 2.31
N ALA H 25 -17.03 -33.13 3.14
CA ALA H 25 -16.07 -33.68 4.13
C ALA H 25 -16.71 -34.58 5.18
N SER H 26 -18.04 -34.53 5.36
CA SER H 26 -18.67 -35.35 6.39
C SER H 26 -19.33 -36.59 5.88
N GLN H 27 -19.16 -36.88 4.60
CA GLN H 27 -19.85 -38.02 4.00
C GLN H 27 -18.92 -38.71 3.02
N GLY H 28 -19.14 -40.01 2.82
CA GLY H 28 -18.53 -40.77 1.73
C GLY H 28 -17.03 -40.74 1.82
N GLU H 29 -16.39 -40.45 0.70
CA GLU H 29 -14.92 -40.43 0.65
C GLU H 29 -14.34 -39.14 1.21
N GLY H 30 -15.15 -38.09 1.34
CA GLY H 30 -14.65 -36.76 1.75
C GLY H 30 -14.66 -35.75 0.63
N ALA H 31 -14.18 -34.54 0.87
CA ALA H 31 -14.17 -33.54 -0.19
C ALA H 31 -12.85 -33.58 -0.98
N PRO H 32 -12.92 -33.49 -2.30
CA PRO H 32 -11.67 -33.53 -3.04
C PRO H 32 -10.86 -32.26 -2.89
N ILE H 33 -9.60 -32.32 -3.28
CA ILE H 33 -8.86 -31.10 -3.40
C ILE H 33 -9.40 -30.25 -4.60
N PRO H 34 -9.74 -28.95 -4.37
CA PRO H 34 -10.20 -28.14 -5.50
C PRO H 34 -9.16 -27.98 -6.63
N SER H 35 -9.60 -28.07 -7.88
CA SER H 35 -8.64 -28.08 -9.00
C SER H 35 -7.80 -26.79 -9.06
N GLN H 36 -8.37 -25.68 -8.66
CA GLN H 36 -7.59 -24.44 -8.58
C GLN H 36 -6.49 -24.43 -7.51
N ILE H 37 -6.69 -25.16 -6.43
CA ILE H 37 -5.68 -25.23 -5.37
C ILE H 37 -4.58 -26.20 -5.77
N ALA H 38 -4.97 -27.34 -6.35
CA ALA H 38 -3.98 -28.24 -6.89
C ALA H 38 -3.10 -27.53 -7.93
N ASP H 39 -3.68 -26.68 -8.77
CA ASP H 39 -2.86 -26.03 -9.78
C ASP H 39 -1.89 -25.03 -9.16
N LYS H 40 -2.41 -24.25 -8.22
CA LYS H 40 -1.63 -23.26 -7.50
C LYS H 40 -0.47 -23.87 -6.71
N LEU H 41 -0.63 -25.10 -6.21
CA LEU H 41 0.47 -25.79 -5.48
C LEU H 41 1.38 -26.65 -6.36
N ARG H 42 1.00 -26.88 -7.62
CA ARG H 42 1.70 -27.87 -8.42
C ARG H 42 3.19 -27.53 -8.52
N GLY H 43 4.05 -28.53 -8.28
CA GLY H 43 5.50 -28.30 -8.40
C GLY H 43 6.15 -27.70 -7.16
N LYS H 44 5.36 -27.10 -6.27
CA LYS H 44 5.92 -26.55 -5.01
C LYS H 44 6.44 -27.61 -4.10
N THR H 45 7.52 -27.29 -3.40
CA THR H 45 8.14 -28.20 -2.47
C THR H 45 7.72 -27.95 -1.02
N PHE H 46 7.57 -29.04 -0.28
CA PHE H 46 7.26 -28.95 1.12
C PHE H 46 8.34 -29.61 1.93
N LYS H 47 8.62 -28.99 3.09
CA LYS H 47 9.62 -29.55 4.01
C LYS H 47 9.08 -30.73 4.78
N ASN H 48 7.78 -30.72 5.06
CA ASN H 48 7.17 -31.74 5.89
C ASN H 48 5.70 -31.48 5.82
N TRP H 49 4.90 -32.26 6.51
CA TRP H 49 3.48 -32.16 6.38
C TRP H 49 2.89 -30.84 6.87
N ARG H 50 3.28 -30.37 8.03
CA ARG H 50 2.83 -29.06 8.55
C ARG H 50 3.05 -27.97 7.52
N ASP H 51 4.21 -27.99 6.83
CA ASP H 51 4.49 -27.00 5.82
C ASP H 51 3.46 -27.11 4.71
N PHE H 52 3.15 -28.30 4.25
CA PHE H 52 2.11 -28.45 3.24
C PHE H 52 0.73 -27.97 3.66
N ARG H 53 0.36 -28.40 4.84
CA ARG H 53 -0.94 -28.11 5.38
C ARG H 53 -1.14 -26.59 5.51
N GLU H 54 -0.09 -25.90 5.97
CA GLU H 54 -0.12 -24.41 6.08
C GLU H 54 -0.28 -23.75 4.71
N GLN H 55 0.50 -24.17 3.75
CA GLN H 55 0.42 -23.64 2.39
C GLN H 55 -0.91 -23.91 1.77
N PHE H 56 -1.44 -25.09 2.04
CA PHE H 56 -2.73 -25.48 1.51
C PHE H 56 -3.82 -24.53 2.02
N TRP H 57 -3.89 -24.32 3.36
CA TRP H 57 -5.02 -23.53 3.92
C TRP H 57 -4.90 -22.01 3.59
N ILE H 58 -3.68 -21.52 3.47
CA ILE H 58 -3.43 -20.14 3.03
C ILE H 58 -3.92 -19.99 1.57
N ALA H 59 -3.68 -21.00 0.75
CA ALA H 59 -4.11 -20.92 -0.61
C ALA H 59 -5.65 -20.97 -0.69
N VAL H 60 -6.33 -21.79 0.16
CA VAL H 60 -7.77 -21.75 0.24
C VAL H 60 -8.25 -20.35 0.70
N ALA H 61 -7.66 -19.79 1.74
CA ALA H 61 -8.10 -18.49 2.26
C ALA H 61 -7.89 -17.37 1.23
N ASN H 62 -6.86 -17.49 0.43
CA ASN H 62 -6.60 -16.52 -0.64
C ASN H 62 -7.37 -16.73 -1.94
N ASP H 63 -8.13 -17.80 -2.08
CA ASP H 63 -8.92 -18.02 -3.27
C ASP H 63 -10.25 -17.27 -3.24
N PRO H 64 -10.55 -16.46 -4.28
CA PRO H 64 -11.81 -15.69 -4.22
C PRO H 64 -13.10 -16.52 -4.11
N GLU H 65 -13.22 -17.62 -4.85
CA GLU H 65 -14.42 -18.45 -4.78
C GLU H 65 -14.57 -19.25 -3.47
N LEU H 66 -13.49 -19.94 -3.09
CA LEU H 66 -13.51 -20.77 -1.87
C LEU H 66 -13.65 -19.87 -0.67
N SER H 67 -12.92 -18.75 -0.66
CA SER H 67 -12.88 -17.86 0.51
C SER H 67 -14.25 -17.38 0.89
N LYS H 68 -15.14 -17.29 -0.08
CA LYS H 68 -16.54 -16.89 0.16
C LYS H 68 -17.33 -17.86 1.04
N GLN H 69 -16.82 -19.09 1.24
CA GLN H 69 -17.59 -20.15 1.94
C GLN H 69 -17.27 -20.24 3.43
N PHE H 70 -16.49 -19.30 3.94
CA PHE H 70 -15.98 -19.31 5.29
C PHE H 70 -16.33 -17.98 5.92
N ASN H 71 -16.70 -17.96 7.20
CA ASN H 71 -16.97 -16.70 7.89
C ASN H 71 -15.66 -16.03 8.29
N PRO H 72 -15.70 -14.78 8.75
CA PRO H 72 -14.44 -14.11 9.06
C PRO H 72 -13.58 -14.80 10.11
N GLY H 73 -14.26 -15.52 11.01
CA GLY H 73 -13.62 -16.25 12.11
C GLY H 73 -12.74 -17.37 11.57
N SER H 74 -13.33 -18.12 10.67
CA SER H 74 -12.67 -19.21 9.95
C SER H 74 -11.51 -18.67 9.15
N LEU H 75 -11.71 -17.61 8.39
CA LEU H 75 -10.63 -17.08 7.52
C LEU H 75 -9.48 -16.53 8.32
N ALA H 76 -9.74 -16.02 9.52
CA ALA H 76 -8.64 -15.53 10.38
C ALA H 76 -7.70 -16.68 10.75
N VAL H 77 -8.28 -17.86 10.91
CA VAL H 77 -7.52 -19.08 11.19
C VAL H 77 -6.80 -19.54 9.93
N MET H 78 -7.52 -19.63 8.83
CA MET H 78 -6.94 -20.19 7.63
C MET H 78 -5.85 -19.34 7.01
N ARG H 79 -5.96 -18.02 7.14
CA ARG H 79 -4.98 -17.11 6.51
C ARG H 79 -3.63 -17.32 7.13
N ASP H 80 -3.63 -17.86 8.32
CA ASP H 80 -2.43 -18.15 9.05
C ASP H 80 -1.93 -19.60 8.92
N GLY H 81 -2.60 -20.39 8.08
CA GLY H 81 -2.20 -21.79 7.82
C GLY H 81 -2.95 -22.83 8.62
N GLY H 82 -3.94 -22.41 9.41
CA GLY H 82 -4.73 -23.35 10.11
C GLY H 82 -5.90 -23.90 9.33
N ALA H 83 -6.29 -25.13 9.69
CA ALA H 83 -7.48 -25.76 9.20
C ALA H 83 -8.74 -25.15 9.82
N PRO H 84 -9.85 -25.07 9.07
CA PRO H 84 -11.10 -24.62 9.67
C PRO H 84 -11.65 -25.58 10.70
N TYR H 85 -12.39 -24.99 11.63
CA TYR H 85 -13.09 -25.73 12.66
C TYR H 85 -14.31 -26.30 12.03
N VAL H 86 -14.66 -27.54 12.41
CA VAL H 86 -15.84 -28.19 11.91
C VAL H 86 -16.98 -27.86 12.80
N ARG H 87 -18.19 -28.14 12.30
CA ARG H 87 -19.40 -28.04 13.14
C ARG H 87 -19.30 -28.92 14.37
N GLU H 88 -19.94 -28.53 15.47
CA GLU H 88 -19.98 -29.34 16.66
C GLU H 88 -20.43 -30.77 16.37
N SER H 89 -21.36 -30.91 15.44
CA SER H 89 -21.90 -32.24 15.06
C SER H 89 -20.90 -33.17 14.37
N GLU H 90 -19.79 -32.60 13.91
CA GLU H 90 -18.70 -33.40 13.26
C GLU H 90 -17.40 -33.50 14.06
N GLN H 91 -17.37 -32.91 15.27
CA GLN H 91 -16.22 -33.02 16.19
C GLN H 91 -16.13 -34.39 16.84
N ALA H 92 -14.93 -34.87 17.09
CA ALA H 92 -14.70 -36.00 18.00
C ALA H 92 -13.72 -35.65 19.15
N GLY H 93 -14.26 -35.17 20.26
CA GLY H 93 -13.49 -34.91 21.45
C GLY H 93 -12.58 -33.73 21.18
N GLY H 94 -11.27 -33.95 21.33
CA GLY H 94 -10.28 -32.89 21.07
C GLY H 94 -9.99 -32.64 19.59
N ARG H 95 -10.45 -33.54 18.70
CA ARG H 95 -10.31 -33.38 17.25
C ARG H 95 -11.50 -32.57 16.70
N ILE H 96 -11.21 -31.33 16.46
CA ILE H 96 -12.24 -30.41 16.09
C ILE H 96 -12.01 -29.62 14.82
N LYS H 97 -11.01 -30.01 14.02
CA LYS H 97 -10.71 -29.37 12.76
C LYS H 97 -10.77 -30.31 11.56
N ILE H 98 -10.98 -29.76 10.38
CA ILE H 98 -10.84 -30.52 9.13
C ILE H 98 -9.42 -31.17 9.11
N GLU H 99 -9.42 -32.43 8.69
CA GLU H 99 -8.22 -33.20 8.45
C GLU H 99 -8.07 -33.63 7.02
N ILE H 100 -6.82 -33.83 6.59
CA ILE H 100 -6.55 -34.32 5.25
C ILE H 100 -6.16 -35.78 5.33
N HIS H 101 -6.84 -36.63 4.57
CA HIS H 101 -6.72 -38.12 4.62
C HIS H 101 -6.11 -38.59 3.30
N HIS H 102 -5.26 -39.63 3.34
CA HIS H 102 -4.74 -40.26 2.09
C HIS H 102 -5.61 -41.42 1.69
N LYS H 103 -6.11 -41.35 0.49
CA LYS H 103 -7.06 -42.38 0.04
C LYS H 103 -6.41 -43.76 -0.06
N VAL H 104 -5.24 -43.76 -0.63
CA VAL H 104 -4.41 -44.97 -0.74
C VAL H 104 -3.30 -44.76 0.26
N ARG H 105 -3.11 -45.71 1.17
CA ARG H 105 -2.08 -45.55 2.18
C ARG H 105 -0.73 -45.39 1.55
N ILE H 106 0.08 -44.55 2.16
CA ILE H 106 1.42 -44.31 1.65
C ILE H 106 2.19 -45.66 1.61
N ALA H 107 2.04 -46.48 2.63
CA ALA H 107 2.72 -47.75 2.70
C ALA H 107 2.30 -48.66 1.51
N ASP H 108 1.10 -48.48 0.99
CA ASP H 108 0.64 -49.21 -0.19
C ASP H 108 0.97 -48.52 -1.48
N GLY H 109 1.80 -47.50 -1.47
CA GLY H 109 2.16 -46.82 -2.72
C GLY H 109 1.54 -45.45 -2.98
N GLY H 110 0.67 -44.99 -2.10
CA GLY H 110 -0.02 -43.72 -2.37
C GLY H 110 0.93 -42.57 -2.23
N GLY H 111 0.66 -41.53 -2.99
CA GLY H 111 1.47 -40.37 -3.02
C GLY H 111 1.16 -39.50 -1.82
N VAL H 112 2.23 -39.01 -1.18
CA VAL H 112 2.11 -38.15 -0.03
C VAL H 112 1.49 -36.78 -0.44
N TYR H 113 1.99 -36.16 -1.51
CA TYR H 113 1.51 -34.88 -1.96
C TYR H 113 0.94 -34.96 -3.39
N ASN H 114 0.42 -36.10 -3.73
CA ASN H 114 -0.34 -36.24 -4.98
C ASN H 114 -1.80 -35.80 -4.73
N MET H 115 -2.21 -34.72 -5.34
CA MET H 115 -3.51 -34.14 -4.98
C MET H 115 -4.65 -35.12 -5.28
N GLY H 116 -4.43 -36.03 -6.25
CA GLY H 116 -5.40 -37.05 -6.55
C GLY H 116 -5.54 -38.07 -5.44
N ASN H 117 -4.61 -38.08 -4.48
CA ASN H 117 -4.72 -39.02 -3.38
C ASN H 117 -5.28 -38.42 -2.08
N LEU H 118 -5.64 -37.14 -2.07
CA LEU H 118 -5.98 -36.42 -0.87
C LEU H 118 -7.47 -36.07 -0.83
N VAL H 119 -8.03 -36.23 0.35
CA VAL H 119 -9.37 -35.68 0.68
C VAL H 119 -9.37 -34.92 1.99
N ALA H 120 -10.37 -34.02 2.13
CA ALA H 120 -10.57 -33.26 3.33
C ALA H 120 -11.75 -33.93 4.02
N VAL H 121 -11.61 -34.29 5.28
CA VAL H 121 -12.70 -34.97 6.01
C VAL H 121 -12.85 -34.47 7.41
N THR H 122 -14.04 -34.63 7.97
CA THR H 122 -14.25 -34.23 9.32
C THR H 122 -13.73 -35.33 10.24
N PRO H 123 -13.45 -34.99 11.49
CA PRO H 123 -12.95 -36.01 12.41
C PRO H 123 -13.94 -37.16 12.58
N LYS H 124 -15.22 -36.86 12.69
CA LYS H 124 -16.17 -37.92 12.90
C LYS H 124 -16.25 -38.80 11.62
N ARG H 125 -16.13 -38.20 10.44
CA ARG H 125 -16.13 -39.03 9.24
C ARG H 125 -14.83 -39.82 9.13
N HIS H 126 -13.72 -39.16 9.47
CA HIS H 126 -12.38 -39.80 9.38
C HIS H 126 -12.37 -41.09 10.22
N ILE H 127 -12.99 -41.03 11.38
CA ILE H 127 -13.02 -42.14 12.30
C ILE H 127 -13.81 -43.27 11.73
N GLU H 128 -14.97 -42.96 11.17
CA GLU H 128 -15.80 -43.94 10.50
C GLU H 128 -15.10 -44.62 9.34
N ILE H 129 -14.44 -43.85 8.49
CA ILE H 129 -13.77 -44.40 7.32
C ILE H 129 -12.80 -45.50 7.77
N HIS H 130 -12.10 -45.25 8.87
CA HIS H 130 -11.17 -46.24 9.41
C HIS H 130 -11.90 -47.20 10.32
N LYS H 131 -12.97 -47.79 9.80
CA LYS H 131 -13.88 -48.54 10.63
C LYS H 131 -13.84 -48.10 12.06
#